data_6VD1
#
_entry.id   6VD1
#
_cell.length_a   61.205
_cell.length_b   101.484
_cell.length_c   84.334
_cell.angle_alpha   90.000
_cell.angle_beta   99.370
_cell.angle_gamma   90.000
#
_symmetry.space_group_name_H-M   'P 1 21 1'
#
loop_
_entity.id
_entity.type
_entity.pdbx_description
1 polymer 'S-adenosylmethionine synthase 2'
2 non-polymer '(DIPHOSPHONO)AMINOPHOSPHONIC ACID'
3 non-polymer 'MAGNESIUM ION'
4 non-polymer 'POTASSIUM ION'
5 non-polymer '3[N-MORPHOLINO]PROPANE SULFONIC ACID'
6 non-polymer 'PENTAETHYLENE GLYCOL'
7 non-polymer 'TRIETHYLENE GLYCOL'
8 non-polymer S-ADENOSYLMETHIONINE
9 non-polymer 1,2-ETHANEDIOL
10 non-polymer 1,3-PROPANDIOL
11 non-polymer R-1,2-PROPANEDIOL
12 non-polymer 3,6,9,12,15,18,21-HEPTAOXATRICOSANE-1,23-DIOL
13 water water
#
_entity_poly.entity_id   1
_entity_poly.type   'polypeptide(L)'
_entity_poly.pdbx_seq_one_letter_code
;SNAMETFLFTSESVNEGHPDKLCDQISDAVLDACLEQDPDSKVACETCTKTNMVMVFGEITTKATIDYEKIVRDTCRSIG
FISDDVGLDADKCKVLVNIEQQSPDIAQGVHGHFTKRPEDIGAGDQGHMFGYATDETPELMPLSHVLATKIGARLTEVRK
NGTCRWLRPDGKTQVTVEYYNDNGAMVPVRVHTVLISTQHDETVTNDEIARDLKEHVIKPIIPEKYLDDKTIFHLNPSGR
FVIGGPHGDAGLTGRKIIIDTYGGWGAHGGGAFSGKDPTKVDRSGAYIVRQAAKSVVANGMARRALVQVSYAIGVPEPLS
VFVDTYGTGLIPDKEILKIVKETFDFRPGMMTINLDLKRGGNGRFQKTAAYGHFGRDDPDFTWEVVKPLKWDKPQLNNIG
SG
;
_entity_poly.pdbx_strand_id   A,B
#
# COMPACT_ATOMS: atom_id res chain seq x y z
N MET A 4 -26.79 -4.18 22.17
CA MET A 4 -25.76 -3.32 21.49
C MET A 4 -24.99 -4.19 20.49
N GLU A 5 -25.28 -4.02 19.18
CA GLU A 5 -24.58 -4.74 18.09
C GLU A 5 -23.21 -4.07 17.90
N THR A 6 -22.16 -4.88 17.86
CA THR A 6 -20.76 -4.41 17.73
C THR A 6 -20.07 -5.20 16.61
N PHE A 7 -18.92 -4.68 16.20
CA PHE A 7 -18.02 -5.39 15.26
C PHE A 7 -16.60 -5.17 15.73
N LEU A 8 -15.71 -6.05 15.24
CA LEU A 8 -14.26 -6.04 15.52
C LEU A 8 -13.49 -5.49 14.33
N PHE A 9 -12.67 -4.48 14.60
CA PHE A 9 -11.79 -3.90 13.56
C PHE A 9 -10.36 -3.85 14.10
N THR A 10 -9.45 -4.33 13.27
CA THR A 10 -8.04 -4.48 13.65
C THR A 10 -7.14 -3.55 12.85
N SER A 11 -6.21 -2.90 13.55
CA SER A 11 -5.09 -2.17 12.91
C SER A 11 -3.80 -2.64 13.55
N GLU A 12 -2.69 -2.49 12.82
CA GLU A 12 -1.36 -2.82 13.37
C GLU A 12 -0.46 -1.57 13.35
N SER A 13 0.77 -1.71 13.89
CA SER A 13 1.86 -0.75 13.68
C SER A 13 3.17 -1.50 13.79
N VAL A 14 4.20 -0.80 13.35
CA VAL A 14 5.58 -1.26 13.58
C VAL A 14 6.36 -0.07 14.14
N ASN A 15 7.43 -0.38 14.86
CA ASN A 15 8.23 0.73 15.42
C ASN A 15 9.41 1.06 14.49
N GLU A 16 10.24 1.99 14.91
CA GLU A 16 11.31 2.55 14.04
C GLU A 16 12.38 1.51 13.69
N GLY A 17 12.45 0.39 14.40
CA GLY A 17 13.46 -0.61 14.11
C GLY A 17 12.98 -1.67 13.16
N HIS A 18 11.72 -1.69 12.78
CA HIS A 18 11.24 -2.63 11.76
C HIS A 18 11.99 -2.37 10.45
N PRO A 19 12.38 -3.41 9.69
CA PRO A 19 13.25 -3.17 8.53
C PRO A 19 12.63 -2.32 7.41
N ASP A 20 11.32 -2.45 7.20
CA ASP A 20 10.64 -1.58 6.21
C ASP A 20 10.66 -0.14 6.73
N LYS A 21 10.34 0.04 8.02
CA LYS A 21 10.30 1.42 8.57
C LYS A 21 11.71 2.01 8.59
N LEU A 22 12.75 1.20 8.81
CA LEU A 22 14.15 1.68 8.72
C LEU A 22 14.40 2.28 7.33
N CYS A 23 13.89 1.62 6.28
CA CYS A 23 14.01 2.11 4.91
C CYS A 23 13.27 3.44 4.71
N ASP A 24 12.02 3.54 5.21
CA ASP A 24 11.27 4.82 5.14
C ASP A 24 12.08 5.93 5.79
N GLN A 25 12.67 5.65 6.95
CA GLN A 25 13.41 6.68 7.69
C GLN A 25 14.68 7.08 6.93
N ILE A 26 15.40 6.14 6.33
CA ILE A 26 16.61 6.44 5.52
C ILE A 26 16.20 7.29 4.33
N SER A 27 15.12 6.87 3.65
CA SER A 27 14.62 7.62 2.48
C SER A 27 14.38 9.08 2.88
N ASP A 28 13.66 9.28 3.99
CA ASP A 28 13.35 10.66 4.42
C ASP A 28 14.54 11.39 5.01
N ALA A 29 15.54 10.67 5.52
CA ALA A 29 16.78 11.29 5.98
C ALA A 29 17.53 11.86 4.75
N VAL A 30 17.48 11.12 3.66
CA VAL A 30 18.07 11.61 2.40
C VAL A 30 17.32 12.85 1.91
N LEU A 31 15.98 12.80 1.93
CA LEU A 31 15.18 13.98 1.54
C LEU A 31 15.54 15.18 2.41
N ASP A 32 15.54 14.99 3.72
CA ASP A 32 15.85 16.09 4.66
C ASP A 32 17.20 16.71 4.31
N ALA A 33 18.20 15.87 4.07
CA ALA A 33 19.57 16.35 3.81
C ALA A 33 19.58 17.17 2.52
N CYS A 34 18.90 16.70 1.49
CA CYS A 34 18.84 17.45 0.22
C CYS A 34 18.16 18.81 0.45
N LEU A 35 16.98 18.79 1.04
CA LEU A 35 16.15 20.02 1.20
C LEU A 35 16.86 21.04 2.08
N GLU A 36 17.59 20.59 3.11
CA GLU A 36 18.29 21.52 4.04
C GLU A 36 19.15 22.46 3.20
N GLN A 37 19.80 21.91 2.17
CA GLN A 37 20.75 22.72 1.37
C GLN A 37 20.10 23.30 0.12
N ASP A 38 19.15 22.55 -0.45
CA ASP A 38 18.50 22.93 -1.72
C ASP A 38 17.02 22.63 -1.58
N PRO A 39 16.22 23.65 -1.17
CA PRO A 39 14.77 23.44 -1.02
C PRO A 39 14.06 22.99 -2.29
N ASP A 40 14.65 23.22 -3.46
CA ASP A 40 14.01 22.86 -4.73
C ASP A 40 14.48 21.46 -5.21
N SER A 41 15.18 20.71 -4.35
CA SER A 41 15.64 19.34 -4.70
C SER A 41 14.47 18.53 -5.27
N LYS A 42 14.70 17.80 -6.35
CA LYS A 42 13.80 16.75 -6.82
C LYS A 42 14.28 15.43 -6.27
N VAL A 43 13.47 14.77 -5.44
CA VAL A 43 13.92 13.62 -4.67
C VAL A 43 12.92 12.51 -4.82
N ALA A 44 13.39 11.33 -5.17
CA ALA A 44 12.61 10.09 -5.27
C ALA A 44 13.53 8.96 -4.81
N CYS A 45 13.84 8.95 -3.51
CA CYS A 45 14.87 8.11 -2.91
C CYS A 45 14.25 6.86 -2.28
N GLU A 46 14.49 5.71 -2.88
CA GLU A 46 14.06 4.41 -2.40
C GLU A 46 15.19 3.79 -1.60
N THR A 47 14.86 2.97 -0.64
CA THR A 47 15.85 2.26 0.18
C THR A 47 15.41 0.80 0.25
N CYS A 48 16.35 -0.11 0.30
CA CYS A 48 16.09 -1.51 0.66
C CYS A 48 17.20 -2.04 1.57
N THR A 49 16.91 -3.12 2.24
CA THR A 49 17.87 -3.67 3.20
C THR A 49 17.64 -5.17 3.37
N LYS A 50 18.75 -5.86 3.61
CA LYS A 50 18.77 -7.29 3.99
C LYS A 50 20.11 -7.52 4.70
N THR A 51 20.29 -8.66 5.32
CA THR A 51 21.52 -9.03 6.04
C THR A 51 22.79 -8.31 5.50
N ASN A 52 23.34 -7.46 6.33
CA ASN A 52 24.61 -6.75 6.11
C ASN A 52 24.57 -5.86 4.87
N MET A 53 23.42 -5.27 4.53
CA MET A 53 23.33 -4.49 3.26
CA MET A 53 23.32 -4.52 3.25
C MET A 53 22.22 -3.46 3.35
N VAL A 54 22.55 -2.23 2.94
CA VAL A 54 21.50 -1.23 2.64
C VAL A 54 21.78 -0.70 1.27
N MET A 55 20.78 -0.52 0.45
CA MET A 55 20.98 0.15 -0.84
CA MET A 55 20.94 0.12 -0.88
C MET A 55 20.01 1.34 -0.94
N VAL A 56 20.49 2.48 -1.37
CA VAL A 56 19.60 3.62 -1.69
C VAL A 56 19.65 3.78 -3.19
N PHE A 57 18.53 4.06 -3.81
CA PHE A 57 18.43 4.06 -5.28
C PHE A 57 17.26 4.90 -5.71
N GLY A 58 17.27 5.37 -6.94
CA GLY A 58 16.21 6.23 -7.44
C GLY A 58 16.76 7.46 -8.06
N GLU A 59 16.04 8.56 -7.97
CA GLU A 59 16.27 9.75 -8.77
C GLU A 59 16.35 10.97 -7.87
N ILE A 60 17.46 11.64 -7.86
CA ILE A 60 17.69 12.90 -7.13
C ILE A 60 18.34 13.92 -8.05
N THR A 61 17.74 15.08 -8.20
CA THR A 61 18.32 16.27 -8.81
C THR A 61 18.46 17.33 -7.73
N THR A 62 19.66 17.56 -7.23
CA THR A 62 19.90 18.46 -6.09
C THR A 62 21.20 19.22 -6.29
N LYS A 63 21.26 20.45 -5.78
CA LYS A 63 22.50 21.22 -5.65
C LYS A 63 23.24 20.88 -4.37
N ALA A 64 22.62 20.11 -3.47
CA ALA A 64 23.19 19.76 -2.16
C ALA A 64 24.48 18.96 -2.34
N THR A 65 25.40 19.23 -1.44
CA THR A 65 26.64 18.45 -1.28
C THR A 65 26.31 17.35 -0.26
N ILE A 66 26.19 16.10 -0.70
CA ILE A 66 25.54 14.97 0.05
CA ILE A 66 25.79 15.08 0.31
C ILE A 66 26.51 13.77 0.06
N ASP A 67 26.60 13.05 1.15
CA ASP A 67 27.26 11.74 1.22
C ASP A 67 26.12 10.79 1.60
N TYR A 68 25.61 10.08 0.62
CA TYR A 68 24.49 9.17 0.88
C TYR A 68 24.90 8.09 1.88
N GLU A 69 26.14 7.59 1.78
CA GLU A 69 26.58 6.51 2.68
C GLU A 69 26.55 6.99 4.14
N LYS A 70 27.02 8.21 4.37
CA LYS A 70 27.00 8.78 5.74
C LYS A 70 25.57 8.89 6.28
N ILE A 71 24.66 9.32 5.44
CA ILE A 71 23.23 9.47 5.87
C ILE A 71 22.69 8.09 6.23
N VAL A 72 22.97 7.11 5.40
CA VAL A 72 22.51 5.72 5.68
C VAL A 72 23.04 5.30 7.04
N ARG A 73 24.37 5.36 7.18
CA ARG A 73 25.02 4.82 8.40
C ARG A 73 24.50 5.59 9.63
N ASP A 74 24.41 6.91 9.56
CA ASP A 74 23.92 7.74 10.69
C ASP A 74 22.49 7.34 11.08
N THR A 75 21.64 7.07 10.11
CA THR A 75 20.22 6.76 10.38
C THR A 75 20.13 5.38 11.04
N CYS A 76 20.86 4.41 10.49
CA CYS A 76 20.85 3.05 11.07
C CYS A 76 21.34 3.17 12.51
N ARG A 77 22.44 3.90 12.69
CA ARG A 77 23.14 3.95 14.01
C ARG A 77 22.16 4.51 15.03
N SER A 78 21.47 5.59 14.67
CA SER A 78 20.57 6.31 15.60
C SER A 78 19.37 5.45 16.02
N ILE A 79 18.91 4.56 15.15
CA ILE A 79 17.77 3.64 15.45
C ILE A 79 18.23 2.52 16.39
N GLY A 80 19.54 2.25 16.45
CA GLY A 80 20.07 1.18 17.33
C GLY A 80 20.72 0.01 16.59
N PHE A 81 20.85 0.07 15.27
CA PHE A 81 21.45 -1.01 14.47
C PHE A 81 22.98 -0.81 14.48
N ILE A 82 23.60 -1.27 15.57
CA ILE A 82 25.03 -0.99 15.85
C ILE A 82 25.82 -2.31 15.95
N SER A 83 25.23 -3.44 15.62
CA SER A 83 25.92 -4.73 15.70
C SER A 83 25.16 -5.78 14.90
N ASP A 84 25.87 -6.78 14.47
CA ASP A 84 25.25 -7.97 13.85
C ASP A 84 24.34 -8.65 14.88
N ASP A 85 24.63 -8.55 16.17
CA ASP A 85 23.81 -9.19 17.23
C ASP A 85 22.41 -8.61 17.25
N VAL A 86 22.20 -7.38 16.78
CA VAL A 86 20.85 -6.75 16.84
C VAL A 86 20.26 -6.67 15.44
N GLY A 87 20.94 -7.14 14.41
CA GLY A 87 20.32 -7.42 13.11
C GLY A 87 20.89 -6.60 11.96
N LEU A 88 21.78 -5.66 12.23
CA LEU A 88 22.49 -4.84 11.23
C LEU A 88 23.52 -4.03 11.97
N ASP A 89 24.74 -3.98 11.43
CA ASP A 89 25.81 -3.11 11.95
C ASP A 89 26.00 -1.90 11.04
N ALA A 90 25.53 -0.75 11.50
CA ALA A 90 25.56 0.53 10.76
C ALA A 90 26.97 0.81 10.25
N ASP A 91 28.00 0.41 10.98
CA ASP A 91 29.38 0.81 10.63
C ASP A 91 30.07 -0.23 9.74
N LYS A 92 29.58 -1.47 9.65
CA LYS A 92 30.27 -2.56 8.90
C LYS A 92 29.48 -2.99 7.66
N CYS A 93 28.18 -2.68 7.62
CA CYS A 93 27.35 -3.21 6.54
C CYS A 93 27.73 -2.59 5.20
N LYS A 94 27.46 -3.31 4.15
CA LYS A 94 27.62 -2.79 2.79
C LYS A 94 26.59 -1.68 2.57
N VAL A 95 26.99 -0.56 1.98
CA VAL A 95 26.05 0.51 1.52
C VAL A 95 26.22 0.66 0.03
N LEU A 96 25.18 0.33 -0.71
CA LEU A 96 25.14 0.43 -2.17
C LEU A 96 24.35 1.64 -2.56
N VAL A 97 24.75 2.35 -3.60
CA VAL A 97 24.05 3.55 -4.08
C VAL A 97 23.85 3.46 -5.59
N ASN A 98 22.62 3.55 -6.05
CA ASN A 98 22.25 3.62 -7.49
C ASN A 98 21.29 4.79 -7.67
N ILE A 99 21.81 6.00 -7.59
CA ILE A 99 21.01 7.25 -7.64
C ILE A 99 21.44 8.06 -8.86
N GLU A 100 20.49 8.45 -9.69
CA GLU A 100 20.67 9.19 -10.96
CA GLU A 100 20.76 9.24 -10.91
C GLU A 100 19.87 10.49 -10.87
N GLN A 101 20.13 11.43 -11.77
CA GLN A 101 19.24 12.61 -11.87
C GLN A 101 17.85 12.15 -12.32
N GLN A 102 16.86 12.95 -11.95
CA GLN A 102 15.49 12.79 -12.47
C GLN A 102 15.51 12.71 -14.00
N SER A 103 14.67 11.85 -14.57
CA SER A 103 14.49 11.78 -16.02
C SER A 103 14.24 13.19 -16.57
N PRO A 104 14.90 13.65 -17.64
CA PRO A 104 14.58 14.96 -18.21
C PRO A 104 13.16 14.99 -18.80
N ASP A 105 12.66 13.84 -19.24
CA ASP A 105 11.30 13.80 -19.81
C ASP A 105 10.29 14.08 -18.70
N ILE A 106 10.53 13.59 -17.49
CA ILE A 106 9.66 13.93 -16.35
C ILE A 106 9.89 15.39 -15.98
N ALA A 107 11.14 15.80 -15.83
CA ALA A 107 11.47 17.17 -15.35
C ALA A 107 10.82 18.23 -16.24
N GLN A 108 10.86 18.07 -17.55
CA GLN A 108 10.27 19.09 -18.46
C GLN A 108 8.77 19.18 -18.25
N GLY A 109 8.10 18.04 -18.06
CA GLY A 109 6.62 18.07 -17.99
C GLY A 109 6.11 18.51 -16.65
N VAL A 110 6.82 18.20 -15.58
CA VAL A 110 6.41 18.51 -14.19
C VAL A 110 6.74 19.97 -13.84
N HIS A 111 7.97 20.39 -14.03
CA HIS A 111 8.45 21.68 -13.48
C HIS A 111 9.22 22.49 -14.53
N GLY A 112 9.27 22.04 -15.77
CA GLY A 112 9.95 22.80 -16.83
C GLY A 112 11.45 22.94 -16.57
N HIS A 113 12.10 21.93 -16.01
CA HIS A 113 13.51 22.08 -15.57
C HIS A 113 13.68 23.33 -14.69
N PHE A 114 12.89 23.39 -13.63
CA PHE A 114 12.99 24.42 -12.55
C PHE A 114 12.58 25.78 -13.07
N THR A 115 11.67 25.84 -14.05
CA THR A 115 11.21 27.16 -14.60
C THR A 115 9.71 27.45 -14.34
N LYS A 116 8.88 26.46 -14.08
CA LYS A 116 7.42 26.69 -13.89
CA LYS A 116 7.43 26.75 -13.93
C LYS A 116 7.17 27.46 -12.60
N ARG A 117 6.30 28.46 -12.67
CA ARG A 117 5.80 29.13 -11.46
C ARG A 117 4.93 28.19 -10.63
N PRO A 118 4.81 28.42 -9.28
CA PRO A 118 4.11 27.49 -8.41
C PRO A 118 2.71 27.10 -8.94
N GLU A 119 1.91 28.05 -9.45
CA GLU A 119 0.53 27.83 -9.94
CA GLU A 119 0.52 27.73 -9.85
C GLU A 119 0.52 26.88 -11.15
N ASP A 120 1.65 26.76 -11.84
CA ASP A 120 1.74 26.03 -13.11
C ASP A 120 2.49 24.69 -12.95
N ILE A 121 3.06 24.44 -11.77
CA ILE A 121 3.77 23.15 -11.51
C ILE A 121 2.77 22.02 -11.73
N GLY A 122 3.11 21.08 -12.60
CA GLY A 122 2.26 19.90 -12.80
C GLY A 122 2.38 18.90 -11.68
N ALA A 123 1.35 18.06 -11.48
CA ALA A 123 1.50 16.89 -10.59
C ALA A 123 2.73 16.11 -11.01
N GLY A 124 3.48 15.60 -10.03
CA GLY A 124 4.73 14.90 -10.34
C GLY A 124 4.46 13.51 -10.91
N ASP A 125 3.22 13.05 -10.83
CA ASP A 125 2.77 11.72 -11.29
C ASP A 125 1.24 11.76 -11.30
N GLN A 126 0.66 10.74 -11.92
CA GLN A 126 -0.76 10.46 -11.77
C GLN A 126 -0.95 9.68 -10.47
N GLY A 127 -2.20 9.57 -10.05
CA GLY A 127 -2.59 8.73 -8.92
C GLY A 127 -3.71 9.37 -8.16
N HIS A 128 -4.10 8.67 -7.11
CA HIS A 128 -5.18 9.18 -6.27
C HIS A 128 -4.79 8.99 -4.82
N MET A 129 -5.38 9.83 -3.98
CA MET A 129 -5.02 9.93 -2.56
C MET A 129 -6.28 10.16 -1.74
N PHE A 130 -6.29 9.63 -0.52
CA PHE A 130 -7.47 9.84 0.36
C PHE A 130 -7.03 10.44 1.68
N GLY A 131 -7.89 11.28 2.21
CA GLY A 131 -7.74 11.81 3.56
C GLY A 131 -8.92 11.39 4.40
N TYR A 132 -8.69 11.20 5.68
CA TYR A 132 -9.70 10.67 6.59
C TYR A 132 -9.57 11.34 7.94
N ALA A 133 -10.75 11.55 8.55
CA ALA A 133 -10.81 11.98 9.97
C ALA A 133 -12.05 11.42 10.64
N THR A 134 -11.92 11.22 11.94
CA THR A 134 -13.02 10.65 12.75
C THR A 134 -12.93 11.26 14.13
N ASP A 135 -14.08 11.55 14.73
CA ASP A 135 -14.13 12.24 16.04
C ASP A 135 -13.90 11.28 17.22
N GLU A 136 -13.56 10.01 16.97
CA GLU A 136 -13.46 9.00 18.05
C GLU A 136 -12.25 9.21 18.96
N THR A 137 -11.24 10.01 18.55
CA THR A 137 -10.06 10.39 19.38
C THR A 137 -9.85 11.90 19.24
N PRO A 138 -9.17 12.52 20.23
CA PRO A 138 -8.90 13.96 20.15
C PRO A 138 -8.09 14.37 18.91
N GLU A 139 -7.20 13.50 18.45
CA GLU A 139 -6.35 13.79 17.26
C GLU A 139 -7.09 13.43 15.97
N LEU A 140 -8.36 13.05 16.06
CA LEU A 140 -9.28 12.86 14.91
C LEU A 140 -8.75 11.72 14.03
N MET A 141 -8.33 10.67 14.70
CA MET A 141 -7.82 9.44 14.06
C MET A 141 -8.50 8.21 14.63
N PRO A 142 -8.51 7.10 13.86
CA PRO A 142 -9.13 5.88 14.36
C PRO A 142 -8.44 5.31 15.60
N LEU A 143 -9.20 4.87 16.60
CA LEU A 143 -8.62 4.34 17.84
C LEU A 143 -7.76 3.11 17.57
N SER A 144 -8.20 2.19 16.71
CA SER A 144 -7.39 0.98 16.46
C SER A 144 -5.97 1.39 16.02
N HIS A 145 -5.90 2.34 15.09
CA HIS A 145 -4.59 2.82 14.57
C HIS A 145 -3.83 3.54 15.68
N VAL A 146 -4.47 4.43 16.39
CA VAL A 146 -3.78 5.25 17.41
C VAL A 146 -3.18 4.34 18.49
N LEU A 147 -3.93 3.38 18.95
CA LEU A 147 -3.46 2.50 20.02
C LEU A 147 -2.31 1.64 19.49
N ALA A 148 -2.46 1.02 18.33
CA ALA A 148 -1.33 0.20 17.83
C ALA A 148 -0.10 1.08 17.71
N THR A 149 -0.26 2.28 17.16
CA THR A 149 0.89 3.17 16.89
C THR A 149 1.53 3.59 18.20
N LYS A 150 0.73 4.03 19.14
CA LYS A 150 1.30 4.53 20.43
C LYS A 150 1.95 3.37 21.21
N ILE A 151 1.41 2.17 21.12
CA ILE A 151 2.02 1.00 21.79
C ILE A 151 3.42 0.77 21.16
N GLY A 152 3.55 0.88 19.84
CA GLY A 152 4.86 0.66 19.23
C GLY A 152 5.84 1.75 19.65
N ALA A 153 5.39 3.00 19.70
CA ALA A 153 6.26 4.10 20.13
C ALA A 153 6.72 3.85 21.57
N ARG A 154 5.83 3.36 22.42
CA ARG A 154 6.17 3.08 23.83
C ARG A 154 7.15 1.90 23.90
N LEU A 155 6.97 0.91 23.04
CA LEU A 155 7.90 -0.24 22.92
C LEU A 155 9.34 0.24 22.64
N THR A 156 9.51 1.18 21.73
CA THR A 156 10.82 1.82 21.52
C THR A 156 11.27 2.59 22.78
N GLU A 157 10.36 3.37 23.37
CA GLU A 157 10.72 4.24 24.52
C GLU A 157 11.27 3.41 25.68
N VAL A 158 10.68 2.26 25.98
CA VAL A 158 11.11 1.48 27.17
C VAL A 158 12.44 0.78 26.91
N ARG A 159 12.80 0.57 25.65
CA ARG A 159 14.17 0.10 25.31
C ARG A 159 15.18 1.24 25.52
N LYS A 160 14.88 2.43 24.99
CA LYS A 160 15.85 3.56 25.03
C LYS A 160 16.01 4.10 26.44
N ASN A 161 14.97 4.06 27.28
CA ASN A 161 15.02 4.71 28.63
C ASN A 161 15.48 3.69 29.68
N GLY A 162 15.76 2.44 29.31
CA GLY A 162 16.25 1.42 30.27
C GLY A 162 15.18 0.74 31.12
N THR A 163 13.90 0.93 30.82
CA THR A 163 12.83 0.22 31.54
C THR A 163 12.86 -1.29 31.22
N CYS A 164 13.09 -1.64 29.95
CA CYS A 164 13.15 -3.06 29.52
C CYS A 164 14.45 -3.29 28.74
N ARG A 165 15.50 -3.67 29.44
CA ARG A 165 16.87 -3.70 28.88
C ARG A 165 17.06 -4.87 27.91
N TRP A 166 16.20 -5.85 27.93
CA TRP A 166 16.26 -7.06 27.08
C TRP A 166 15.76 -6.77 25.67
N LEU A 167 15.20 -5.60 25.44
CA LEU A 167 14.60 -5.29 24.12
C LEU A 167 15.69 -5.08 23.06
N ARG A 168 15.35 -5.44 21.82
CA ARG A 168 16.11 -5.05 20.60
C ARG A 168 15.21 -4.21 19.70
N PRO A 169 15.74 -3.59 18.63
CA PRO A 169 14.99 -2.51 18.01
C PRO A 169 13.72 -2.86 17.22
N ASP A 170 13.62 -4.09 16.74
CA ASP A 170 12.57 -4.46 15.75
C ASP A 170 11.33 -4.93 16.49
N GLY A 171 10.20 -4.22 16.33
CA GLY A 171 8.98 -4.64 17.01
C GLY A 171 7.70 -4.29 16.22
N LYS A 172 6.66 -5.07 16.44
CA LYS A 172 5.35 -4.89 15.78
C LYS A 172 4.23 -4.98 16.82
N THR A 173 3.10 -4.33 16.53
CA THR A 173 1.94 -4.27 17.44
C THR A 173 0.67 -4.47 16.63
N GLN A 174 -0.42 -4.83 17.31
CA GLN A 174 -1.70 -4.99 16.62
C GLN A 174 -2.81 -4.92 17.67
N VAL A 175 -3.82 -4.13 17.37
CA VAL A 175 -4.98 -3.90 18.30
C VAL A 175 -6.28 -4.12 17.55
N THR A 176 -7.11 -4.99 18.12
CA THR A 176 -8.51 -5.24 17.72
C THR A 176 -9.45 -4.50 18.65
N VAL A 177 -10.20 -3.57 18.08
CA VAL A 177 -11.15 -2.73 18.85
C VAL A 177 -12.55 -3.21 18.50
N GLU A 178 -13.36 -3.37 19.54
CA GLU A 178 -14.82 -3.61 19.38
C GLU A 178 -15.49 -2.24 19.27
N TYR A 179 -16.20 -2.03 18.18
CA TYR A 179 -16.88 -0.77 17.83
C TYR A 179 -18.40 -0.94 17.78
N TYR A 180 -19.04 0.19 17.98
CA TYR A 180 -20.47 0.46 17.77
C TYR A 180 -20.63 1.49 16.65
N ASN A 181 -21.59 1.29 15.74
CA ASN A 181 -21.96 2.27 14.69
C ASN A 181 -23.08 3.15 15.25
N ASP A 182 -22.81 4.42 15.48
CA ASP A 182 -23.83 5.41 15.89
C ASP A 182 -24.16 6.29 14.67
N ASN A 183 -25.10 5.90 13.83
CA ASN A 183 -25.55 6.74 12.69
C ASN A 183 -24.36 7.17 11.82
N GLY A 184 -23.43 6.24 11.61
CA GLY A 184 -22.27 6.43 10.73
C GLY A 184 -21.03 6.79 11.51
N ALA A 185 -21.13 7.29 12.73
CA ALA A 185 -19.98 7.61 13.61
C ALA A 185 -19.50 6.33 14.29
N MET A 186 -18.19 6.21 14.46
CA MET A 186 -17.56 5.03 15.06
C MET A 186 -17.31 5.30 16.54
N VAL A 187 -17.90 4.46 17.38
CA VAL A 187 -17.81 4.60 18.85
C VAL A 187 -17.11 3.38 19.40
N PRO A 188 -15.86 3.56 19.85
CA PRO A 188 -15.16 2.45 20.47
C PRO A 188 -15.87 1.99 21.73
N VAL A 189 -15.92 0.67 21.93
CA VAL A 189 -16.50 0.03 23.14
C VAL A 189 -15.37 -0.48 24.04
N ARG A 190 -14.46 -1.29 23.49
CA ARG A 190 -13.42 -1.93 24.29
C ARG A 190 -12.34 -2.44 23.35
N VAL A 191 -11.18 -2.69 23.93
CA VAL A 191 -10.13 -3.42 23.22
C VAL A 191 -10.37 -4.91 23.40
N HIS A 192 -10.52 -5.60 22.28
CA HIS A 192 -10.81 -7.05 22.23
C HIS A 192 -9.53 -7.88 22.32
N THR A 193 -8.49 -7.51 21.57
CA THR A 193 -7.22 -8.24 21.49
C THR A 193 -6.08 -7.25 21.32
N VAL A 194 -5.00 -7.50 22.06
CA VAL A 194 -3.71 -6.79 21.85
C VAL A 194 -2.62 -7.83 21.56
N LEU A 195 -1.84 -7.55 20.52
CA LEU A 195 -0.67 -8.35 20.12
C LEU A 195 0.56 -7.46 20.09
N ILE A 196 1.66 -7.98 20.62
CA ILE A 196 3.02 -7.41 20.40
C ILE A 196 3.95 -8.57 20.05
N SER A 197 4.78 -8.38 19.00
CA SER A 197 5.95 -9.22 18.73
C SER A 197 7.15 -8.32 18.73
N THR A 198 8.10 -8.56 19.66
CA THR A 198 9.30 -7.71 19.76
C THR A 198 10.57 -8.55 19.80
N GLN A 199 11.56 -8.03 19.11
CA GLN A 199 12.93 -8.59 19.15
C GLN A 199 13.49 -8.43 20.56
N HIS A 200 14.29 -9.40 20.95
CA HIS A 200 14.81 -9.48 22.33
C HIS A 200 16.16 -10.21 22.34
N ASP A 201 16.85 -10.06 23.47
CA ASP A 201 18.13 -10.75 23.69
C ASP A 201 17.87 -12.10 24.38
N GLU A 202 18.94 -12.83 24.67
CA GLU A 202 18.86 -14.19 25.21
C GLU A 202 18.72 -14.17 26.76
N THR A 203 18.56 -13.01 27.38
CA THR A 203 18.60 -12.87 28.86
C THR A 203 17.22 -13.01 29.52
N VAL A 204 16.15 -13.03 28.74
CA VAL A 204 14.76 -12.85 29.22
C VAL A 204 13.94 -14.09 28.89
N THR A 205 13.09 -14.51 29.83
CA THR A 205 12.16 -15.64 29.59
C THR A 205 10.89 -15.13 28.92
N ASN A 206 10.12 -16.03 28.31
CA ASN A 206 8.86 -15.59 27.65
C ASN A 206 7.90 -15.08 28.72
N ASP A 207 7.97 -15.60 29.95
CA ASP A 207 7.07 -15.14 31.02
C ASP A 207 7.41 -13.68 31.36
N GLU A 208 8.70 -13.38 31.41
CA GLU A 208 9.19 -12.03 31.72
C GLU A 208 8.79 -11.07 30.59
N ILE A 209 8.96 -11.51 29.36
CA ILE A 209 8.56 -10.67 28.20
C ILE A 209 7.08 -10.35 28.38
N ALA A 210 6.23 -11.35 28.63
CA ALA A 210 4.77 -11.12 28.65
C ALA A 210 4.42 -10.13 29.76
N ARG A 211 5.02 -10.36 30.93
CA ARG A 211 4.82 -9.46 32.09
C ARG A 211 5.24 -8.04 31.73
N ASP A 212 6.46 -7.87 31.26
CA ASP A 212 7.00 -6.52 30.99
C ASP A 212 6.21 -5.84 29.87
N LEU A 213 5.84 -6.57 28.83
CA LEU A 213 5.06 -5.90 27.77
C LEU A 213 3.70 -5.44 28.31
N LYS A 214 3.02 -6.25 29.11
CA LYS A 214 1.69 -5.84 29.62
C LYS A 214 1.87 -4.62 30.54
N GLU A 215 2.81 -4.69 31.47
CA GLU A 215 2.87 -3.71 32.58
C GLU A 215 3.54 -2.42 32.12
N HIS A 216 4.57 -2.52 31.29
CA HIS A 216 5.37 -1.33 30.92
C HIS A 216 4.97 -0.72 29.58
N VAL A 217 4.41 -1.52 28.69
CA VAL A 217 4.12 -1.04 27.31
C VAL A 217 2.61 -0.87 27.09
N ILE A 218 1.80 -1.90 27.35
CA ILE A 218 0.37 -1.84 26.98
C ILE A 218 -0.42 -0.99 27.99
N LYS A 219 -0.32 -1.31 29.26
CA LYS A 219 -1.24 -0.66 30.23
C LYS A 219 -0.97 0.84 30.27
N PRO A 220 0.28 1.34 30.12
CA PRO A 220 0.50 2.79 30.08
C PRO A 220 -0.18 3.54 28.91
N ILE A 221 -0.51 2.82 27.84
CA ILE A 221 -1.00 3.45 26.59
C ILE A 221 -2.51 3.28 26.49
N ILE A 222 -3.01 2.06 26.69
CA ILE A 222 -4.47 1.88 26.46
C ILE A 222 -5.23 2.44 27.65
N PRO A 223 -6.16 3.39 27.42
CA PRO A 223 -7.07 3.86 28.48
C PRO A 223 -7.72 2.68 29.22
N GLU A 224 -7.76 2.77 30.54
CA GLU A 224 -8.24 1.69 31.42
C GLU A 224 -9.69 1.35 31.04
N LYS A 225 -10.48 2.34 30.60
CA LYS A 225 -11.92 2.14 30.30
C LYS A 225 -12.11 1.15 29.14
N TYR A 226 -11.06 0.92 28.33
CA TYR A 226 -11.13 0.02 27.17
C TYR A 226 -10.61 -1.39 27.47
N LEU A 227 -9.95 -1.60 28.61
CA LEU A 227 -9.40 -2.93 28.99
C LEU A 227 -10.29 -3.60 30.01
N ASP A 228 -10.46 -4.89 29.86
CA ASP A 228 -11.23 -5.66 30.87
C ASP A 228 -10.66 -7.06 30.97
N ASP A 229 -11.25 -7.87 31.86
CA ASP A 229 -10.66 -9.17 32.21
C ASP A 229 -10.85 -10.14 31.04
N LYS A 230 -11.55 -9.76 29.97
CA LYS A 230 -11.75 -10.63 28.78
C LYS A 230 -10.80 -10.22 27.63
N THR A 231 -10.14 -9.08 27.71
CA THR A 231 -9.19 -8.67 26.66
C THR A 231 -8.14 -9.77 26.48
N ILE A 232 -7.96 -10.17 25.23
CA ILE A 232 -6.98 -11.22 24.84
C ILE A 232 -5.62 -10.57 24.56
N PHE A 233 -4.58 -11.18 25.12
CA PHE A 233 -3.19 -10.74 24.92
C PHE A 233 -2.39 -11.84 24.23
N HIS A 234 -1.80 -11.48 23.08
CA HIS A 234 -0.78 -12.32 22.41
C HIS A 234 0.54 -11.58 22.56
N LEU A 235 1.45 -12.14 23.31
CA LEU A 235 2.71 -11.47 23.64
C LEU A 235 3.88 -12.35 23.20
N ASN A 236 4.53 -11.95 22.12
CA ASN A 236 5.61 -12.76 21.52
C ASN A 236 5.10 -14.18 21.24
N PRO A 237 3.98 -14.32 20.50
CA PRO A 237 3.44 -15.62 20.17
C PRO A 237 4.33 -16.59 19.39
N SER A 238 5.32 -16.11 18.67
CA SER A 238 6.24 -17.02 17.95
C SER A 238 7.09 -17.80 18.94
N GLY A 239 7.30 -17.26 20.13
CA GLY A 239 8.08 -17.89 21.20
C GLY A 239 9.58 -17.60 21.17
N ARG A 240 10.10 -17.07 20.07
CA ARG A 240 11.53 -16.69 20.00
C ARG A 240 11.69 -15.66 18.88
N PHE A 241 12.23 -14.50 19.24
CA PHE A 241 12.46 -13.38 18.30
C PHE A 241 13.80 -12.71 18.67
N VAL A 242 14.88 -13.46 18.46
CA VAL A 242 16.26 -13.02 18.78
C VAL A 242 16.93 -12.44 17.53
N ILE A 243 16.84 -13.16 16.42
CA ILE A 243 17.20 -12.62 15.08
C ILE A 243 16.13 -11.61 14.71
N GLY A 244 16.53 -10.42 14.25
CA GLY A 244 15.58 -9.41 13.81
C GLY A 244 16.18 -8.37 12.92
N GLY A 245 15.52 -7.26 12.72
CA GLY A 245 15.99 -6.26 11.75
C GLY A 245 16.17 -6.89 10.37
N PRO A 246 17.03 -6.27 9.54
CA PRO A 246 17.28 -6.77 8.18
C PRO A 246 17.83 -8.22 8.13
N HIS A 247 18.48 -8.67 9.20
CA HIS A 247 18.93 -10.09 9.27
C HIS A 247 17.72 -11.04 9.24
N GLY A 248 16.66 -10.69 9.94
CA GLY A 248 15.44 -11.52 10.01
C GLY A 248 14.49 -11.32 8.84
N ASP A 249 14.52 -10.16 8.19
CA ASP A 249 13.49 -9.83 7.19
C ASP A 249 13.93 -8.64 6.35
N ALA A 250 13.88 -8.79 5.02
CA ALA A 250 14.22 -7.69 4.10
C ALA A 250 13.24 -6.55 4.28
N GLY A 251 13.75 -5.34 4.16
CA GLY A 251 12.96 -4.12 4.18
C GLY A 251 13.05 -3.33 2.91
N LEU A 252 12.00 -2.55 2.64
CA LEU A 252 11.93 -1.67 1.46
C LEU A 252 11.18 -0.40 1.85
N THR A 253 11.46 0.73 1.23
CA THR A 253 10.64 1.93 1.35
C THR A 253 9.24 1.72 0.81
N GLY A 254 8.25 2.29 1.50
CA GLY A 254 6.87 2.33 1.00
C GLY A 254 6.15 1.01 1.11
N ARG A 255 6.50 0.17 2.07
CA ARG A 255 5.84 -1.14 2.35
C ARG A 255 5.02 -1.09 3.66
N LYS A 256 4.82 0.13 4.18
CA LYS A 256 4.01 0.30 5.40
C LYS A 256 2.98 1.43 5.18
N ILE A 257 2.34 1.46 4.02
CA ILE A 257 1.55 2.67 3.64
C ILE A 257 0.25 2.75 4.44
N ILE A 258 -0.25 1.62 4.95
CA ILE A 258 -1.49 1.63 5.77
C ILE A 258 -1.12 2.02 7.21
N ILE A 259 0.00 1.56 7.70
CA ILE A 259 0.58 1.95 9.01
C ILE A 259 0.93 3.46 8.98
N ASP A 260 1.28 4.00 7.82
CA ASP A 260 1.63 5.41 7.68
C ASP A 260 0.39 6.31 7.73
N THR A 261 -0.76 5.73 7.51
CA THR A 261 -1.99 6.51 7.25
C THR A 261 -3.06 6.23 8.32
N TYR A 262 -4.02 5.35 8.06
CA TYR A 262 -5.25 5.26 8.88
C TYR A 262 -5.53 3.83 9.35
N GLY A 263 -4.60 2.92 9.19
CA GLY A 263 -4.78 1.59 9.77
C GLY A 263 -5.89 0.78 9.16
N GLY A 264 -6.23 1.08 7.91
CA GLY A 264 -7.27 0.36 7.18
C GLY A 264 -8.59 1.10 7.14
N TRP A 265 -8.72 2.14 7.95
CA TRP A 265 -9.90 3.02 7.89
C TRP A 265 -9.76 3.98 6.72
N GLY A 266 -10.84 4.63 6.35
CA GLY A 266 -10.82 5.58 5.25
C GLY A 266 -10.61 4.83 3.96
N ALA A 267 -9.51 5.14 3.29
CA ALA A 267 -9.09 4.48 2.04
C ALA A 267 -7.66 4.89 1.77
N HIS A 268 -7.07 4.19 0.81
CA HIS A 268 -5.69 4.45 0.38
C HIS A 268 -5.64 4.37 -1.13
N GLY A 269 -4.93 5.31 -1.76
CA GLY A 269 -4.73 5.27 -3.23
C GLY A 269 -3.46 4.56 -3.67
N GLY A 270 -2.67 4.10 -2.72
CA GLY A 270 -1.51 3.24 -3.07
C GLY A 270 -0.16 3.89 -3.05
N GLY A 271 -0.05 5.20 -2.98
CA GLY A 271 1.24 5.89 -3.11
C GLY A 271 1.96 5.98 -1.78
N ALA A 272 3.25 5.69 -1.80
CA ALA A 272 4.07 5.82 -0.61
C ALA A 272 4.46 7.28 -0.39
N PHE A 273 4.87 7.59 0.84
CA PHE A 273 5.27 8.98 1.18
C PHE A 273 6.81 9.16 1.17
N SER A 274 7.52 8.27 1.83
CA SER A 274 8.91 8.58 2.23
C SER A 274 9.82 8.64 1.00
N GLY A 275 10.76 9.58 1.07
CA GLY A 275 11.79 9.71 0.04
C GLY A 275 11.37 10.64 -1.08
N LYS A 276 10.18 11.23 -1.00
CA LYS A 276 9.61 12.07 -2.08
C LYS A 276 9.49 13.53 -1.66
N ASP A 277 9.94 14.40 -2.56
CA ASP A 277 9.76 15.84 -2.48
C ASP A 277 8.29 16.14 -2.80
N PRO A 278 7.79 17.35 -2.47
CA PRO A 278 6.36 17.61 -2.54
C PRO A 278 5.76 17.82 -3.93
N THR A 279 6.54 17.86 -5.01
CA THR A 279 5.92 17.73 -6.35
C THR A 279 5.31 16.33 -6.52
N LYS A 280 5.71 15.36 -5.71
CA LYS A 280 5.07 14.03 -5.74
C LYS A 280 3.76 14.20 -4.95
N VAL A 281 2.68 14.26 -5.68
CA VAL A 281 1.33 14.44 -5.08
C VAL A 281 0.97 13.22 -4.22
N ASP A 282 1.64 12.09 -4.32
CA ASP A 282 1.41 10.97 -3.39
C ASP A 282 1.56 11.50 -1.98
N ARG A 283 2.51 12.42 -1.78
CA ARG A 283 2.79 12.97 -0.43
C ARG A 283 2.03 14.27 -0.21
N SER A 284 2.22 15.28 -1.04
CA SER A 284 1.57 16.60 -0.80
C SER A 284 0.05 16.45 -0.91
N GLY A 285 -0.45 15.69 -1.89
CA GLY A 285 -1.89 15.51 -2.04
C GLY A 285 -2.48 14.76 -0.87
N ALA A 286 -1.86 13.71 -0.39
CA ALA A 286 -2.37 12.98 0.78
C ALA A 286 -2.36 13.87 2.01
N TYR A 287 -1.38 14.72 2.15
CA TYR A 287 -1.27 15.61 3.31
C TYR A 287 -2.40 16.64 3.25
N ILE A 288 -2.67 17.22 2.10
CA ILE A 288 -3.74 18.25 2.00
CA ILE A 288 -3.75 18.24 1.99
C ILE A 288 -5.09 17.56 2.21
N VAL A 289 -5.34 16.35 1.68
CA VAL A 289 -6.66 15.73 1.91
C VAL A 289 -6.80 15.27 3.37
N ARG A 290 -5.76 14.93 4.10
CA ARG A 290 -5.85 14.79 5.58
C ARG A 290 -6.26 16.14 6.18
N GLN A 291 -5.66 17.22 5.76
CA GLN A 291 -5.98 18.54 6.35
C GLN A 291 -7.43 18.86 6.07
N ALA A 292 -7.91 18.57 4.84
CA ALA A 292 -9.32 18.83 4.52
C ALA A 292 -10.24 17.96 5.37
N ALA A 293 -10.06 16.66 5.40
CA ALA A 293 -10.95 15.77 6.16
C ALA A 293 -10.92 16.17 7.63
N LYS A 294 -9.78 16.44 8.16
CA LYS A 294 -9.62 16.80 9.57
C LYS A 294 -10.37 18.13 9.80
N SER A 295 -10.25 19.07 8.90
CA SER A 295 -10.92 20.38 9.06
C SER A 295 -12.43 20.19 9.03
N VAL A 296 -12.94 19.33 8.14
CA VAL A 296 -14.40 19.10 8.09
C VAL A 296 -14.85 18.63 9.47
N VAL A 297 -14.23 17.63 10.05
CA VAL A 297 -14.63 17.09 11.37
C VAL A 297 -14.39 18.11 12.47
N ALA A 298 -13.28 18.80 12.49
CA ALA A 298 -12.89 19.72 13.60
C ALA A 298 -13.80 20.95 13.60
N ASN A 299 -14.33 21.32 12.43
CA ASN A 299 -15.28 22.45 12.33
C ASN A 299 -16.68 21.99 12.73
N GLY A 300 -16.89 20.71 13.07
CA GLY A 300 -18.24 20.27 13.48
C GLY A 300 -19.15 19.96 12.32
N MET A 301 -18.67 19.95 11.09
CA MET A 301 -19.50 19.75 9.90
C MET A 301 -19.86 18.26 9.71
N ALA A 302 -19.10 17.35 10.32
CA ALA A 302 -19.34 15.90 10.26
C ALA A 302 -18.59 15.23 11.39
N ARG A 303 -18.97 14.00 11.72
CA ARG A 303 -18.29 13.18 12.74
C ARG A 303 -17.15 12.40 12.10
N ARG A 304 -17.30 12.09 10.82
CA ARG A 304 -16.26 11.34 10.06
C ARG A 304 -16.26 11.89 8.65
N ALA A 305 -15.13 11.82 7.96
CA ALA A 305 -15.07 12.34 6.59
C ALA A 305 -13.98 11.62 5.84
N LEU A 306 -14.28 11.32 4.59
CA LEU A 306 -13.31 10.76 3.62
C LEU A 306 -13.25 11.71 2.42
N VAL A 307 -12.04 12.05 2.00
CA VAL A 307 -11.82 12.92 0.84
C VAL A 307 -10.89 12.21 -0.14
N GLN A 308 -11.25 12.15 -1.42
CA GLN A 308 -10.35 11.65 -2.47
C GLN A 308 -9.98 12.82 -3.35
N VAL A 309 -8.73 12.81 -3.79
CA VAL A 309 -8.24 13.66 -4.89
C VAL A 309 -7.48 12.77 -5.88
N SER A 310 -7.41 13.19 -7.13
CA SER A 310 -6.62 12.45 -8.12
C SER A 310 -5.96 13.44 -9.07
N TYR A 311 -4.90 12.96 -9.72
CA TYR A 311 -4.04 13.81 -10.56
C TYR A 311 -3.61 13.07 -11.83
N ALA A 312 -3.19 13.90 -12.78
CA ALA A 312 -2.46 13.46 -13.99
C ALA A 312 -1.08 14.10 -13.98
N ILE A 313 -0.05 13.36 -14.40
CA ILE A 313 1.31 13.94 -14.47
C ILE A 313 1.28 15.19 -15.38
N GLY A 314 1.90 16.27 -14.92
CA GLY A 314 2.08 17.48 -15.73
C GLY A 314 0.89 18.42 -15.67
N VAL A 315 -0.18 18.05 -15.01
CA VAL A 315 -1.44 18.85 -14.95
C VAL A 315 -1.52 19.40 -13.55
N PRO A 316 -1.60 20.73 -13.37
CA PRO A 316 -1.71 21.23 -12.00
C PRO A 316 -2.99 20.88 -11.25
N GLU A 317 -4.13 21.02 -11.93
CA GLU A 317 -5.45 20.85 -11.29
C GLU A 317 -5.81 19.37 -11.15
N PRO A 318 -6.38 18.95 -10.02
CA PRO A 318 -6.82 17.57 -9.87
C PRO A 318 -7.83 17.16 -10.93
N LEU A 319 -7.89 15.86 -11.19
CA LEU A 319 -8.85 15.27 -12.15
C LEU A 319 -10.20 15.02 -11.46
N SER A 320 -10.20 14.78 -10.16
CA SER A 320 -11.45 14.51 -9.45
C SER A 320 -11.22 14.82 -7.99
N VAL A 321 -12.32 15.15 -7.32
CA VAL A 321 -12.41 15.27 -5.85
C VAL A 321 -13.73 14.66 -5.42
N PHE A 322 -13.72 13.96 -4.29
CA PHE A 322 -14.88 13.29 -3.66
CA PHE A 322 -15.02 13.58 -3.67
C PHE A 322 -14.88 13.66 -2.17
N VAL A 323 -16.05 13.90 -1.59
CA VAL A 323 -16.18 13.95 -0.11
C VAL A 323 -17.33 13.01 0.27
N ASP A 324 -17.11 12.19 1.28
CA ASP A 324 -18.18 11.36 1.88
C ASP A 324 -18.08 11.47 3.38
N THR A 325 -19.21 11.66 4.07
CA THR A 325 -19.22 11.73 5.54
C THR A 325 -19.93 10.54 6.18
N TYR A 326 -20.15 9.46 5.44
CA TYR A 326 -20.68 8.24 6.05
C TYR A 326 -22.04 8.51 6.69
N GLY A 327 -22.78 9.47 6.15
CA GLY A 327 -24.10 9.82 6.72
C GLY A 327 -23.98 10.67 7.97
N THR A 328 -22.83 11.20 8.33
CA THR A 328 -22.62 11.99 9.57
C THR A 328 -22.59 13.50 9.31
N GLY A 329 -22.61 13.94 8.07
CA GLY A 329 -22.51 15.37 7.77
C GLY A 329 -23.72 16.12 8.31
N LEU A 330 -23.51 17.35 8.76
CA LEU A 330 -24.65 18.19 9.23
C LEU A 330 -25.16 19.09 8.09
N ILE A 331 -24.42 19.19 7.00
CA ILE A 331 -24.88 19.71 5.68
C ILE A 331 -24.64 18.62 4.64
N PRO A 332 -25.25 18.75 3.44
CA PRO A 332 -25.09 17.76 2.38
C PRO A 332 -23.63 17.63 1.96
N ASP A 333 -23.27 16.40 1.64
CA ASP A 333 -21.88 16.13 1.21
C ASP A 333 -21.55 17.00 0.01
N LYS A 334 -22.49 17.24 -0.91
CA LYS A 334 -22.18 18.06 -2.10
C LYS A 334 -21.80 19.46 -1.65
N GLU A 335 -22.42 19.97 -0.58
CA GLU A 335 -22.10 21.31 -0.05
CA GLU A 335 -22.07 21.32 -0.09
C GLU A 335 -20.71 21.27 0.58
N ILE A 336 -20.40 20.20 1.32
CA ILE A 336 -19.05 20.03 1.92
C ILE A 336 -17.99 19.98 0.81
N LEU A 337 -18.29 19.27 -0.26
CA LEU A 337 -17.36 19.21 -1.41
C LEU A 337 -17.12 20.63 -1.94
N LYS A 338 -18.17 21.40 -2.15
CA LYS A 338 -18.02 22.79 -2.63
C LYS A 338 -17.12 23.59 -1.68
N ILE A 339 -17.37 23.51 -0.37
CA ILE A 339 -16.56 24.25 0.63
C ILE A 339 -15.11 23.79 0.55
N VAL A 340 -14.92 22.50 0.48
CA VAL A 340 -13.53 21.97 0.40
C VAL A 340 -12.83 22.57 -0.83
N LYS A 341 -13.49 22.50 -1.99
CA LYS A 341 -12.87 23.00 -3.24
C LYS A 341 -12.59 24.50 -3.16
N GLU A 342 -13.44 25.28 -2.48
CA GLU A 342 -13.28 26.76 -2.30
C GLU A 342 -12.16 27.08 -1.33
N THR A 343 -11.82 26.17 -0.42
CA THR A 343 -10.91 26.43 0.73
C THR A 343 -9.48 25.91 0.46
N PHE A 344 -9.38 24.72 -0.13
CA PHE A 344 -8.07 24.05 -0.35
C PHE A 344 -7.67 24.22 -1.81
N ASP A 345 -6.41 24.59 -2.02
CA ASP A 345 -5.79 24.64 -3.37
C ASP A 345 -5.04 23.33 -3.60
N PHE A 346 -5.53 22.51 -4.50
CA PHE A 346 -5.01 21.14 -4.71
C PHE A 346 -3.85 21.12 -5.73
N ARG A 347 -3.48 22.27 -6.27
CA ARG A 347 -2.36 22.30 -7.23
C ARG A 347 -1.05 22.08 -6.47
N PRO A 348 -0.13 21.23 -6.98
CA PRO A 348 1.00 20.82 -6.16
C PRO A 348 1.98 21.94 -5.78
N GLY A 349 2.18 22.90 -6.66
CA GLY A 349 3.06 24.04 -6.35
C GLY A 349 2.48 24.89 -5.24
N MET A 350 1.16 24.87 -5.13
CA MET A 350 0.40 25.66 -4.13
C MET A 350 0.44 24.89 -2.81
N MET A 351 0.13 23.60 -2.86
CA MET A 351 0.15 22.72 -1.66
C MET A 351 1.53 22.82 -1.02
N THR A 352 2.56 22.80 -1.85
CA THR A 352 3.97 22.81 -1.37
C THR A 352 4.16 24.06 -0.52
N ILE A 353 3.75 25.21 -1.02
CA ILE A 353 3.97 26.49 -0.29
C ILE A 353 3.03 26.57 0.93
N ASN A 354 1.76 26.25 0.73
CA ASN A 354 0.77 26.34 1.82
C ASN A 354 1.11 25.42 3.00
N LEU A 355 1.80 24.30 2.77
CA LEU A 355 2.19 23.40 3.87
C LEU A 355 3.69 23.44 4.16
N ASP A 356 4.42 24.43 3.62
CA ASP A 356 5.85 24.61 3.89
C ASP A 356 6.62 23.29 3.70
N LEU A 357 6.35 22.61 2.59
CA LEU A 357 6.87 21.23 2.41
C LEU A 357 8.30 21.20 1.80
N LYS A 358 8.85 22.34 1.40
CA LYS A 358 10.26 22.35 0.94
C LYS A 358 11.23 22.55 2.09
N ARG A 359 10.78 22.62 3.30
CA ARG A 359 11.67 22.76 4.48
C ARG A 359 12.01 21.38 4.99
N GLY A 360 13.32 21.06 4.96
CA GLY A 360 13.81 19.81 5.55
C GLY A 360 14.89 20.13 6.55
N GLY A 361 15.52 19.10 7.07
CA GLY A 361 16.56 19.24 8.08
C GLY A 361 15.93 19.39 9.45
N ASN A 362 16.72 19.28 10.50
CA ASN A 362 16.18 19.14 11.87
C ASN A 362 15.20 17.95 11.87
N GLY A 363 15.43 16.95 11.02
CA GLY A 363 14.63 15.71 11.00
C GLY A 363 13.20 15.93 10.54
N ARG A 364 12.95 17.00 9.81
CA ARG A 364 11.55 17.37 9.49
C ARG A 364 10.78 16.18 8.93
N PHE A 365 11.25 15.60 7.84
CA PHE A 365 10.55 14.48 7.23
C PHE A 365 10.92 13.15 7.86
N GLN A 366 12.14 13.00 8.34
CA GLN A 366 12.51 11.73 9.01
C GLN A 366 11.52 11.43 10.14
N LYS A 367 11.06 12.45 10.86
CA LYS A 367 10.09 12.27 11.98
CA LYS A 367 10.12 12.21 12.00
C LYS A 367 8.75 11.71 11.50
N THR A 368 8.40 11.95 10.24
CA THR A 368 7.12 11.40 9.69
C THR A 368 7.24 9.91 9.39
N ALA A 369 8.46 9.40 9.22
CA ALA A 369 8.73 8.08 8.61
C ALA A 369 8.69 6.96 9.63
N ALA A 370 8.33 7.25 10.89
CA ALA A 370 7.86 6.21 11.80
C ALA A 370 6.76 6.81 12.65
N TYR A 371 5.85 5.97 13.11
CA TYR A 371 4.74 6.35 14.03
C TYR A 371 3.64 7.13 13.34
N GLY A 372 3.55 7.06 12.01
CA GLY A 372 2.40 7.56 11.24
C GLY A 372 2.59 9.00 10.81
N HIS A 373 2.05 9.36 9.64
CA HIS A 373 2.14 10.75 9.13
C HIS A 373 1.05 11.63 9.73
N PHE A 374 0.00 11.02 10.27
CA PHE A 374 -1.20 11.76 10.71
C PHE A 374 -1.41 11.61 12.21
N GLY A 375 -2.19 12.54 12.76
CA GLY A 375 -2.59 12.55 14.18
C GLY A 375 -1.48 12.93 15.12
N ARG A 376 -0.46 13.61 14.63
CA ARG A 376 0.64 14.00 15.54
CA ARG A 376 0.79 14.00 15.35
C ARG A 376 0.72 15.51 15.69
N ASP A 377 1.13 15.97 16.89
CA ASP A 377 0.96 17.43 17.27
C ASP A 377 2.25 18.24 17.12
N ASP A 378 3.27 17.65 16.57
CA ASP A 378 4.54 18.35 16.30
C ASP A 378 4.24 19.41 15.23
N PRO A 379 4.64 20.69 15.44
CA PRO A 379 4.30 21.74 14.48
C PRO A 379 4.89 21.55 13.07
N ASP A 380 5.83 20.62 12.90
CA ASP A 380 6.36 20.34 11.55
C ASP A 380 5.30 19.61 10.70
N PHE A 381 4.32 18.99 11.38
CA PHE A 381 3.21 18.30 10.69
C PHE A 381 2.16 19.33 10.34
N THR A 382 2.46 20.18 9.38
CA THR A 382 1.69 21.38 9.06
C THR A 382 0.29 21.05 8.53
N TRP A 383 0.09 19.84 8.08
CA TRP A 383 -1.16 19.32 7.51
C TRP A 383 -2.11 18.91 8.63
N GLU A 384 -1.66 18.95 9.88
CA GLU A 384 -2.55 18.67 11.04
C GLU A 384 -3.16 19.98 11.56
N VAL A 385 -2.82 21.13 11.00
CA VAL A 385 -3.42 22.41 11.44
C VAL A 385 -4.80 22.50 10.82
N VAL A 386 -5.79 22.67 11.66
CA VAL A 386 -7.18 22.79 11.19
C VAL A 386 -7.40 24.16 10.53
N LYS A 387 -8.03 24.16 9.37
CA LYS A 387 -8.44 25.40 8.69
C LYS A 387 -9.86 25.75 9.11
N PRO A 388 -10.17 27.00 9.47
CA PRO A 388 -11.56 27.38 9.66
C PRO A 388 -12.30 27.24 8.33
N LEU A 389 -13.52 26.70 8.38
CA LEU A 389 -14.39 26.54 7.19
C LEU A 389 -15.62 27.42 7.38
N LYS A 390 -16.04 28.06 6.30
CA LYS A 390 -17.21 28.95 6.32
C LYS A 390 -18.42 28.09 5.97
N TRP A 391 -19.36 28.05 6.91
CA TRP A 391 -20.61 27.30 6.68
C TRP A 391 -21.68 27.80 7.66
N ASP A 392 -22.91 27.49 7.32
CA ASP A 392 -24.11 27.81 8.12
C ASP A 392 -24.39 26.61 9.02
N LYS A 393 -24.04 26.74 10.30
CA LYS A 393 -24.32 25.66 11.28
C LYS A 393 -25.83 25.52 11.47
N PRO A 394 -26.36 24.29 11.43
CA PRO A 394 -27.80 24.12 11.51
C PRO A 394 -28.36 24.68 12.81
N GLN A 395 -27.59 24.65 13.88
CA GLN A 395 -28.10 24.99 15.22
C GLN A 395 -28.02 26.50 15.46
N LEU A 396 -27.61 27.30 14.50
CA LEU A 396 -27.46 28.76 14.66
C LEU A 396 -28.33 29.49 13.64
N ASN A 397 -28.86 30.64 14.07
CA ASN A 397 -29.38 31.69 13.17
C ASN A 397 -28.52 32.94 13.45
N ASN A 398 -28.00 33.51 12.37
CA ASN A 398 -27.09 34.69 12.44
C ASN A 398 -26.79 35.21 11.04
N ALA B 3 -32.19 16.63 -10.62
CA ALA B 3 -31.05 15.85 -11.14
C ALA B 3 -30.55 14.82 -10.11
N MET B 4 -30.25 13.64 -10.63
CA MET B 4 -29.56 12.52 -9.95
C MET B 4 -28.33 13.00 -9.18
N GLU B 5 -28.21 12.67 -7.90
CA GLU B 5 -26.98 12.92 -7.10
C GLU B 5 -25.92 11.91 -7.53
N THR B 6 -24.71 12.38 -7.85
CA THR B 6 -23.57 11.49 -8.21
C THR B 6 -22.33 11.97 -7.51
N PHE B 7 -21.30 11.13 -7.59
CA PHE B 7 -19.95 11.47 -7.11
C PHE B 7 -18.92 10.87 -8.04
N LEU B 8 -17.72 11.40 -7.96
CA LEU B 8 -16.58 10.95 -8.79
C LEU B 8 -15.60 10.10 -7.98
N PHE B 9 -15.29 8.91 -8.49
CA PHE B 9 -14.32 8.00 -7.85
C PHE B 9 -13.30 7.57 -8.89
N THR B 10 -12.03 7.67 -8.53
CA THR B 10 -10.90 7.41 -9.45
C THR B 10 -10.11 6.18 -9.00
N SER B 11 -9.79 5.32 -9.98
CA SER B 11 -8.79 4.24 -9.76
C SER B 11 -7.77 4.32 -10.89
N GLU B 12 -6.57 3.78 -10.65
CA GLU B 12 -5.52 3.72 -11.69
C GLU B 12 -5.15 2.25 -11.94
N SER B 13 -4.28 2.06 -12.93
CA SER B 13 -3.54 0.79 -13.09
C SER B 13 -2.22 1.10 -13.76
N VAL B 14 -1.37 0.08 -13.73
CA VAL B 14 -0.11 0.10 -14.50
C VAL B 14 -0.04 -1.25 -15.21
N ASN B 15 0.68 -1.25 -16.32
CA ASN B 15 0.83 -2.51 -17.09
C ASN B 15 2.12 -3.23 -16.68
N GLU B 16 2.38 -4.34 -17.35
CA GLU B 16 3.48 -5.27 -16.95
C GLU B 16 4.86 -4.63 -17.09
N GLY B 17 4.99 -3.55 -17.85
CA GLY B 17 6.27 -2.90 -18.03
C GLY B 17 6.58 -1.81 -17.04
N HIS B 18 5.62 -1.45 -16.20
CA HIS B 18 5.91 -0.47 -15.15
C HIS B 18 7.00 -1.03 -14.23
N PRO B 19 7.97 -0.22 -13.76
CA PRO B 19 9.10 -0.80 -13.04
C PRO B 19 8.76 -1.47 -11.69
N ASP B 20 7.76 -0.95 -10.98
CA ASP B 20 7.29 -1.66 -9.75
C ASP B 20 6.63 -2.99 -10.16
N LYS B 21 5.82 -3.01 -11.20
CA LYS B 21 5.13 -4.26 -11.61
C LYS B 21 6.18 -5.26 -12.12
N LEU B 22 7.22 -4.79 -12.79
CA LEU B 22 8.33 -5.67 -13.22
C LEU B 22 8.85 -6.41 -11.98
N CYS B 23 9.03 -5.69 -10.88
CA CYS B 23 9.53 -6.30 -9.64
C CYS B 23 8.55 -7.35 -9.09
N ASP B 24 7.26 -7.00 -9.05
CA ASP B 24 6.24 -7.98 -8.60
C ASP B 24 6.33 -9.26 -9.45
N GLN B 25 6.48 -9.07 -10.77
CA GLN B 25 6.47 -10.26 -11.66
C GLN B 25 7.75 -11.10 -11.45
N ILE B 26 8.89 -10.45 -11.23
CA ILE B 26 10.17 -11.19 -10.97
C ILE B 26 10.04 -11.94 -9.64
N SER B 27 9.50 -11.25 -8.63
CA SER B 27 9.32 -11.90 -7.32
C SER B 27 8.46 -13.15 -7.48
N ASP B 28 7.32 -13.03 -8.19
CA ASP B 28 6.43 -14.20 -8.38
C ASP B 28 7.04 -15.24 -9.31
N ALA B 29 7.91 -14.81 -10.24
CA ALA B 29 8.61 -15.76 -11.10
C ALA B 29 9.58 -16.62 -10.26
N VAL B 30 10.19 -15.98 -9.27
CA VAL B 30 11.05 -16.71 -8.31
C VAL B 30 10.22 -17.70 -7.50
N LEU B 31 9.06 -17.25 -6.96
CA LEU B 31 8.15 -18.13 -6.23
C LEU B 31 7.76 -19.33 -7.10
N ASP B 32 7.33 -19.07 -8.32
CA ASP B 32 6.87 -20.11 -9.25
C ASP B 32 7.99 -21.15 -9.41
N ALA B 33 9.20 -20.68 -9.66
CA ALA B 33 10.35 -21.57 -9.92
C ALA B 33 10.61 -22.45 -8.69
N CYS B 34 10.54 -21.85 -7.51
CA CYS B 34 10.75 -22.61 -6.26
C CYS B 34 9.67 -23.70 -6.12
N LEU B 35 8.41 -23.29 -6.21
CA LEU B 35 7.25 -24.19 -5.98
C LEU B 35 7.25 -25.32 -7.01
N GLU B 36 7.68 -25.06 -8.25
CA GLU B 36 7.60 -26.09 -9.31
CA GLU B 36 7.64 -26.08 -9.33
C GLU B 36 8.49 -27.28 -8.89
N GLN B 37 9.58 -27.03 -8.19
CA GLN B 37 10.48 -28.13 -7.76
C GLN B 37 10.18 -28.56 -6.33
N ASP B 38 9.73 -27.61 -5.49
CA ASP B 38 9.57 -27.87 -4.05
C ASP B 38 8.32 -27.13 -3.61
N PRO B 39 7.14 -27.78 -3.59
CA PRO B 39 5.90 -27.11 -3.19
C PRO B 39 5.94 -26.56 -1.77
N ASP B 40 6.82 -27.06 -0.89
CA ASP B 40 6.89 -26.61 0.51
C ASP B 40 7.89 -25.45 0.67
N SER B 41 8.38 -24.87 -0.43
CA SER B 41 9.35 -23.76 -0.35
C SER B 41 8.82 -22.64 0.53
N LYS B 42 9.64 -22.09 1.38
CA LYS B 42 9.31 -20.87 2.14
C LYS B 42 9.97 -19.73 1.37
N VAL B 43 9.20 -18.82 0.86
CA VAL B 43 9.67 -17.79 -0.10
C VAL B 43 9.18 -16.45 0.37
N ALA B 44 10.08 -15.49 0.46
CA ALA B 44 9.83 -14.06 0.78
C ALA B 44 10.80 -13.27 -0.10
N CYS B 45 10.53 -13.25 -1.40
CA CYS B 45 11.48 -12.75 -2.41
C CYS B 45 11.09 -11.32 -2.82
N GLU B 46 11.86 -10.35 -2.41
CA GLU B 46 11.74 -8.95 -2.81
C GLU B 46 12.58 -8.70 -4.03
N THR B 47 12.20 -7.76 -4.86
CA THR B 47 12.97 -7.35 -6.03
C THR B 47 13.03 -5.83 -6.05
N CYS B 48 14.10 -5.25 -6.51
CA CYS B 48 14.15 -3.82 -6.82
C CYS B 48 14.92 -3.59 -8.11
N THR B 49 14.75 -2.43 -8.70
CA THR B 49 15.40 -2.15 -9.99
C THR B 49 15.65 -0.67 -10.14
N LYS B 50 16.73 -0.36 -10.81
CA LYS B 50 17.11 1.00 -11.25
C LYS B 50 17.98 0.81 -12.51
N THR B 51 18.27 1.89 -13.19
CA THR B 51 19.01 1.81 -14.46
C THR B 51 20.08 0.69 -14.42
N ASN B 52 19.88 -0.28 -15.31
CA ASN B 52 20.75 -1.44 -15.62
C ASN B 52 21.05 -2.31 -14.42
N MET B 53 20.14 -2.37 -13.46
N MET B 53 20.13 -2.39 -13.46
CA MET B 53 20.34 -3.14 -12.21
CA MET B 53 20.34 -3.10 -12.19
C MET B 53 19.01 -3.75 -11.79
C MET B 53 19.02 -3.73 -11.75
N VAL B 54 19.04 -5.03 -11.44
CA VAL B 54 17.94 -5.69 -10.71
C VAL B 54 18.55 -6.39 -9.50
N MET B 55 17.97 -6.28 -8.33
CA MET B 55 18.41 -7.07 -7.19
CA MET B 55 18.40 -7.01 -7.12
C MET B 55 17.25 -7.88 -6.66
N VAL B 56 17.46 -9.14 -6.39
CA VAL B 56 16.51 -10.02 -5.68
C VAL B 56 17.08 -10.26 -4.29
N PHE B 57 16.27 -10.15 -3.27
CA PHE B 57 16.74 -10.19 -1.89
C PHE B 57 15.62 -10.66 -1.01
N GLY B 58 15.96 -11.21 0.15
CA GLY B 58 14.98 -11.71 1.11
C GLY B 58 15.30 -13.09 1.54
N GLU B 59 14.28 -13.93 1.77
CA GLU B 59 14.41 -15.19 2.49
C GLU B 59 13.74 -16.32 1.71
N ILE B 60 14.54 -17.29 1.32
CA ILE B 60 14.05 -18.52 0.65
C ILE B 60 14.66 -19.73 1.33
N THR B 61 13.83 -20.63 1.81
CA THR B 61 14.22 -21.98 2.23
C THR B 61 13.57 -22.95 1.24
N THR B 62 14.37 -23.61 0.41
CA THR B 62 13.85 -24.46 -0.66
C THR B 62 14.78 -25.62 -0.96
N LYS B 63 14.21 -26.71 -1.40
CA LYS B 63 14.99 -27.85 -1.96
CA LYS B 63 15.01 -27.84 -1.95
C LYS B 63 15.24 -27.63 -3.44
N ALA B 64 14.60 -26.65 -4.05
CA ALA B 64 14.78 -26.29 -5.48
C ALA B 64 16.22 -25.83 -5.76
N THR B 65 16.66 -26.06 -6.98
CA THR B 65 17.91 -25.48 -7.53
C THR B 65 17.42 -24.47 -8.56
N ILE B 66 17.65 -23.21 -8.28
CA ILE B 66 17.09 -22.00 -8.93
CA ILE B 66 17.13 -22.21 -9.25
C ILE B 66 18.24 -21.23 -9.60
N ASP B 67 18.00 -20.60 -10.74
CA ASP B 67 18.95 -19.67 -11.38
C ASP B 67 18.30 -18.28 -11.26
N TYR B 68 18.66 -17.53 -10.23
CA TYR B 68 18.01 -16.21 -9.99
C TYR B 68 18.24 -15.31 -11.20
N GLU B 69 19.47 -15.31 -11.73
CA GLU B 69 19.83 -14.43 -12.88
C GLU B 69 18.94 -14.73 -14.08
N LYS B 70 18.84 -16.00 -14.46
CA LYS B 70 18.04 -16.42 -15.62
C LYS B 70 16.56 -16.07 -15.39
N ILE B 71 16.05 -16.24 -14.17
CA ILE B 71 14.63 -15.90 -13.91
C ILE B 71 14.44 -14.40 -14.14
N VAL B 72 15.34 -13.58 -13.61
CA VAL B 72 15.32 -12.12 -13.88
C VAL B 72 15.32 -11.81 -15.38
N ARG B 73 16.31 -12.35 -16.09
CA ARG B 73 16.46 -12.05 -17.55
C ARG B 73 15.23 -12.54 -18.32
N ASP B 74 14.77 -13.75 -18.02
CA ASP B 74 13.58 -14.31 -18.72
C ASP B 74 12.34 -13.44 -18.51
N THR B 75 12.15 -12.96 -17.29
CA THR B 75 10.98 -12.14 -16.96
C THR B 75 11.06 -10.79 -17.69
N CYS B 76 12.22 -10.17 -17.63
CA CYS B 76 12.47 -8.91 -18.33
C CYS B 76 12.20 -9.12 -19.82
N ARG B 77 12.73 -10.21 -20.38
CA ARG B 77 12.59 -10.43 -21.84
C ARG B 77 11.13 -10.56 -22.25
N SER B 78 10.33 -11.38 -21.55
CA SER B 78 8.90 -11.55 -21.90
C SER B 78 8.16 -10.22 -21.89
N ILE B 79 8.50 -9.33 -20.94
CA ILE B 79 7.81 -8.02 -20.80
C ILE B 79 8.24 -7.09 -21.92
N GLY B 80 9.43 -7.33 -22.48
CA GLY B 80 9.94 -6.50 -23.59
C GLY B 80 11.15 -5.62 -23.27
N PHE B 81 11.77 -5.82 -22.13
CA PHE B 81 12.96 -5.05 -21.70
C PHE B 81 14.20 -5.72 -22.31
N ILE B 82 14.40 -5.44 -23.59
CA ILE B 82 15.45 -6.09 -24.39
C ILE B 82 16.37 -5.06 -25.02
N SER B 83 16.39 -3.81 -24.58
CA SER B 83 17.38 -2.85 -25.08
C SER B 83 17.45 -1.67 -24.14
N ASP B 84 18.56 -0.99 -24.10
CA ASP B 84 18.71 0.28 -23.35
C ASP B 84 17.70 1.30 -23.87
N ASP B 85 17.35 1.23 -25.16
CA ASP B 85 16.39 2.19 -25.77
C ASP B 85 15.00 2.05 -25.15
N VAL B 86 14.64 0.89 -24.61
CA VAL B 86 13.28 0.75 -23.99
C VAL B 86 13.36 0.79 -22.45
N GLY B 87 14.51 1.05 -21.85
CA GLY B 87 14.70 1.41 -20.44
C GLY B 87 15.30 0.33 -19.58
N LEU B 88 15.62 -0.82 -20.17
CA LEU B 88 16.34 -1.91 -19.50
C LEU B 88 16.57 -3.00 -20.54
N ASP B 89 17.79 -3.50 -20.59
CA ASP B 89 18.18 -4.61 -21.48
C ASP B 89 18.37 -5.85 -20.62
N ALA B 90 17.54 -6.87 -20.81
CA ALA B 90 17.61 -8.13 -20.01
C ALA B 90 19.02 -8.73 -20.05
N ASP B 91 19.70 -8.60 -21.16
CA ASP B 91 21.01 -9.24 -21.39
C ASP B 91 22.17 -8.35 -20.94
N LYS B 92 21.99 -7.07 -20.64
CA LYS B 92 23.03 -6.16 -20.13
C LYS B 92 22.94 -6.01 -18.62
N CYS B 93 21.75 -6.05 -18.06
N CYS B 93 21.73 -6.24 -18.05
CA CYS B 93 21.66 -5.50 -16.69
CA CYS B 93 21.36 -6.02 -16.64
C CYS B 93 22.37 -6.43 -15.70
C CYS B 93 22.43 -6.57 -15.66
N LYS B 94 22.87 -5.79 -14.66
CA LYS B 94 23.58 -6.41 -13.52
C LYS B 94 22.50 -6.98 -12.59
N VAL B 95 22.58 -8.25 -12.26
CA VAL B 95 21.66 -8.93 -11.33
C VAL B 95 22.39 -9.16 -10.03
N LEU B 96 21.93 -8.56 -8.95
CA LEU B 96 22.49 -8.73 -7.62
C LEU B 96 21.57 -9.67 -6.84
N VAL B 97 22.11 -10.43 -5.93
CA VAL B 97 21.36 -11.40 -5.12
C VAL B 97 21.78 -11.23 -3.66
N ASN B 98 20.81 -11.08 -2.77
CA ASN B 98 21.04 -11.13 -1.32
C ASN B 98 19.91 -11.96 -0.72
N ILE B 99 19.99 -13.26 -0.93
CA ILE B 99 18.94 -14.21 -0.48
CA ILE B 99 18.94 -14.27 -0.57
C ILE B 99 19.55 -15.20 0.48
N GLU B 100 18.92 -15.34 1.62
CA GLU B 100 19.34 -16.21 2.75
CA GLU B 100 19.37 -16.27 2.67
C GLU B 100 18.18 -17.15 3.07
N GLN B 101 18.43 -18.20 3.81
CA GLN B 101 17.33 -19.02 4.35
C GLN B 101 16.48 -18.20 5.30
N GLN B 102 15.22 -18.59 5.42
CA GLN B 102 14.29 -18.01 6.44
C GLN B 102 14.97 -18.06 7.82
N SER B 103 14.77 -17.02 8.61
CA SER B 103 15.16 -17.01 10.03
C SER B 103 14.71 -18.30 10.69
N PRO B 104 15.58 -19.02 11.43
CA PRO B 104 15.13 -20.18 12.18
C PRO B 104 14.11 -19.80 13.26
N ASP B 105 14.21 -18.58 13.81
CA ASP B 105 13.27 -18.15 14.85
C ASP B 105 11.87 -18.02 14.25
N ILE B 106 11.76 -17.57 13.01
CA ILE B 106 10.44 -17.56 12.32
C ILE B 106 10.04 -19.00 12.00
N ALA B 107 10.96 -19.76 11.39
CA ALA B 107 10.61 -21.10 10.89
C ALA B 107 10.07 -22.01 12.03
N GLN B 108 10.65 -21.92 13.21
CA GLN B 108 10.22 -22.80 14.33
C GLN B 108 8.80 -22.40 14.75
N GLY B 109 8.51 -21.10 14.78
CA GLY B 109 7.20 -20.68 15.28
C GLY B 109 6.10 -20.82 14.26
N VAL B 110 6.40 -20.69 12.98
CA VAL B 110 5.37 -20.73 11.92
C VAL B 110 5.07 -22.20 11.55
N HIS B 111 6.08 -23.00 11.25
CA HIS B 111 5.89 -24.33 10.62
C HIS B 111 6.72 -25.41 11.32
N GLY B 112 7.37 -25.09 12.43
CA GLY B 112 8.12 -26.09 13.19
C GLY B 112 9.25 -26.69 12.36
N HIS B 113 9.90 -25.90 11.52
CA HIS B 113 10.91 -26.41 10.57
C HIS B 113 10.33 -27.58 9.76
N PHE B 114 9.23 -27.30 9.06
CA PHE B 114 8.57 -28.24 8.14
C PHE B 114 8.01 -29.44 8.88
N THR B 115 7.58 -29.28 10.15
CA THR B 115 6.97 -30.43 10.88
C THR B 115 5.50 -30.25 11.26
N LYS B 116 4.98 -29.03 11.28
CA LYS B 116 3.58 -28.83 11.70
C LYS B 116 2.62 -29.37 10.63
N ARG B 117 1.58 -30.05 11.09
CA ARG B 117 0.45 -30.44 10.23
C ARG B 117 -0.29 -29.20 9.73
N PRO B 118 -0.99 -29.30 8.58
CA PRO B 118 -1.67 -28.13 8.01
C PRO B 118 -2.55 -27.35 9.01
N GLU B 119 -3.32 -28.04 9.85
CA GLU B 119 -4.29 -27.40 10.79
C GLU B 119 -3.53 -26.63 11.89
N ASP B 120 -2.25 -26.93 12.10
CA ASP B 120 -1.41 -26.36 13.18
C ASP B 120 -0.42 -25.31 12.65
N ILE B 121 -0.30 -25.15 11.33
CA ILE B 121 0.60 -24.10 10.77
C ILE B 121 0.17 -22.74 11.31
N GLY B 122 1.08 -22.00 11.87
CA GLY B 122 0.83 -20.63 12.34
C GLY B 122 0.76 -19.65 11.18
N ALA B 123 0.06 -18.54 11.37
CA ALA B 123 0.21 -17.43 10.42
C ALA B 123 1.71 -17.11 10.28
N GLY B 124 2.11 -16.78 9.07
CA GLY B 124 3.51 -16.50 8.80
C GLY B 124 3.95 -15.14 9.36
N ASP B 125 2.97 -14.35 9.75
CA ASP B 125 3.18 -12.98 10.25
C ASP B 125 1.85 -12.53 10.87
N GLN B 126 1.92 -11.43 11.59
CA GLN B 126 0.72 -10.69 11.97
C GLN B 126 0.28 -9.81 10.80
N GLY B 127 -0.93 -9.27 10.93
CA GLY B 127 -1.46 -8.30 9.97
C GLY B 127 -2.93 -8.50 9.80
N HIS B 128 -3.44 -7.67 8.92
CA HIS B 128 -4.87 -7.75 8.61
C HIS B 128 -5.07 -7.59 7.10
N MET B 129 -6.17 -8.10 6.60
CA MET B 129 -6.44 -8.25 5.16
C MET B 129 -7.93 -8.04 4.91
N PHE B 130 -8.24 -7.42 3.79
CA PHE B 130 -9.66 -7.21 3.44
C PHE B 130 -9.98 -7.84 2.11
N GLY B 131 -11.21 -8.34 2.01
CA GLY B 131 -11.79 -8.78 0.75
C GLY B 131 -12.98 -7.92 0.43
N TYR B 132 -13.25 -7.76 -0.84
CA TYR B 132 -14.33 -6.89 -1.33
C TYR B 132 -14.95 -7.50 -2.57
N ALA B 133 -16.25 -7.25 -2.70
CA ALA B 133 -16.99 -7.56 -3.91
C ALA B 133 -18.16 -6.60 -4.07
N THR B 134 -18.54 -6.40 -5.32
CA THR B 134 -19.63 -5.45 -5.67
C THR B 134 -20.27 -5.95 -6.94
N ASP B 135 -21.60 -5.86 -6.99
CA ASP B 135 -22.38 -6.42 -8.12
C ASP B 135 -22.36 -5.51 -9.34
N GLU B 136 -21.54 -4.47 -9.36
CA GLU B 136 -21.60 -3.45 -10.43
C GLU B 136 -20.97 -3.96 -11.74
N THR B 137 -20.19 -5.03 -11.69
CA THR B 137 -19.61 -5.67 -12.89
C THR B 137 -19.80 -7.17 -12.77
N PRO B 138 -19.80 -7.91 -13.90
CA PRO B 138 -20.01 -9.35 -13.82
C PRO B 138 -18.95 -10.08 -12.98
N GLU B 139 -17.72 -9.58 -13.00
CA GLU B 139 -16.58 -10.15 -12.20
C GLU B 139 -16.61 -9.69 -10.75
N LEU B 140 -17.65 -8.94 -10.36
CA LEU B 140 -17.93 -8.54 -8.97
C LEU B 140 -16.78 -7.67 -8.45
N MET B 141 -16.33 -6.77 -9.31
CA MET B 141 -15.26 -5.82 -9.00
C MET B 141 -15.68 -4.42 -9.31
N PRO B 142 -15.01 -3.43 -8.70
CA PRO B 142 -15.39 -2.04 -8.97
C PRO B 142 -15.10 -1.62 -10.42
N LEU B 143 -15.98 -0.89 -11.08
CA LEU B 143 -15.79 -0.52 -12.48
C LEU B 143 -14.57 0.38 -12.66
N SER B 144 -14.32 1.31 -11.75
CA SER B 144 -13.14 2.19 -11.93
C SER B 144 -11.88 1.33 -12.04
N HIS B 145 -11.75 0.35 -11.15
CA HIS B 145 -10.59 -0.53 -11.14
C HIS B 145 -10.58 -1.37 -12.43
N VAL B 146 -11.68 -1.98 -12.76
CA VAL B 146 -11.76 -2.92 -13.92
C VAL B 146 -11.38 -2.17 -15.19
N LEU B 147 -11.91 -0.98 -15.40
CA LEU B 147 -11.61 -0.26 -16.63
C LEU B 147 -10.15 0.17 -16.65
N ALA B 148 -9.62 0.74 -15.57
CA ALA B 148 -8.21 1.15 -15.61
C ALA B 148 -7.36 -0.08 -15.91
N THR B 149 -7.66 -1.20 -15.26
CA THR B 149 -6.84 -2.41 -15.40
C THR B 149 -6.92 -2.94 -16.83
N LYS B 150 -8.12 -3.03 -17.36
CA LYS B 150 -8.31 -3.62 -18.72
C LYS B 150 -7.72 -2.68 -19.77
N ILE B 151 -7.77 -1.37 -19.56
CA ILE B 151 -7.11 -0.43 -20.50
C ILE B 151 -5.59 -0.69 -20.49
N GLY B 152 -4.99 -0.91 -19.32
CA GLY B 152 -3.56 -1.14 -19.28
C GLY B 152 -3.22 -2.47 -19.94
N ALA B 153 -4.04 -3.50 -19.76
CA ALA B 153 -3.79 -4.79 -20.43
C ALA B 153 -3.89 -4.60 -21.95
N ARG B 154 -4.84 -3.84 -22.41
CA ARG B 154 -4.98 -3.59 -23.85
C ARG B 154 -3.79 -2.79 -24.38
N LEU B 155 -3.29 -1.83 -23.60
CA LEU B 155 -2.10 -1.02 -23.96
C LEU B 155 -0.90 -1.95 -24.16
N THR B 156 -0.74 -2.97 -23.33
CA THR B 156 0.31 -3.97 -23.61
C THR B 156 -0.03 -4.73 -24.89
N GLU B 157 -1.26 -5.19 -25.04
CA GLU B 157 -1.65 -6.06 -26.19
C GLU B 157 -1.39 -5.38 -27.52
N VAL B 158 -1.66 -4.08 -27.65
CA VAL B 158 -1.49 -3.40 -28.96
C VAL B 158 0.00 -3.17 -29.26
N ARG B 159 0.85 -3.15 -28.23
CA ARG B 159 2.31 -3.13 -28.46
C ARG B 159 2.73 -4.50 -28.98
N LYS B 160 2.37 -5.56 -28.27
CA LYS B 160 2.87 -6.92 -28.63
C LYS B 160 2.30 -7.43 -29.96
N ASN B 161 1.12 -7.00 -30.37
CA ASN B 161 0.41 -7.57 -31.57
C ASN B 161 0.66 -6.68 -32.79
N GLY B 162 1.45 -5.61 -32.67
CA GLY B 162 1.85 -4.73 -33.79
C GLY B 162 0.77 -3.73 -34.20
N THR B 163 -0.24 -3.51 -33.39
CA THR B 163 -1.25 -2.49 -33.74
C THR B 163 -0.67 -1.08 -33.55
N CYS B 164 0.07 -0.89 -32.46
CA CYS B 164 0.77 0.41 -32.21
C CYS B 164 2.26 0.14 -31.99
N ARG B 165 3.03 0.24 -33.06
CA ARG B 165 4.45 -0.21 -33.08
C ARG B 165 5.37 0.78 -32.35
N TRP B 166 4.89 2.00 -32.13
CA TRP B 166 5.63 3.08 -31.46
C TRP B 166 5.66 2.87 -29.96
N LEU B 167 4.85 1.95 -29.43
CA LEU B 167 4.78 1.78 -27.96
C LEU B 167 6.05 1.19 -27.41
N ARG B 168 6.34 1.53 -26.15
CA ARG B 168 7.38 0.91 -25.31
C ARG B 168 6.71 0.33 -24.09
N PRO B 169 7.37 -0.51 -23.29
CA PRO B 169 6.64 -1.33 -22.33
C PRO B 169 5.93 -0.65 -21.14
N ASP B 170 6.45 0.49 -20.73
CA ASP B 170 6.05 1.13 -19.45
C ASP B 170 4.82 2.02 -19.66
N GLY B 171 3.71 1.67 -19.03
CA GLY B 171 2.51 2.50 -19.16
C GLY B 171 1.64 2.50 -17.93
N LYS B 172 0.89 3.56 -17.79
CA LYS B 172 -0.09 3.76 -16.68
C LYS B 172 -1.42 4.28 -17.21
N THR B 173 -2.45 4.01 -16.45
CA THR B 173 -3.84 4.38 -16.82
C THR B 173 -4.59 4.90 -15.59
N GLN B 174 -5.66 5.63 -15.84
CA GLN B 174 -6.46 6.09 -14.70
C GLN B 174 -7.85 6.43 -15.20
N VAL B 175 -8.86 5.97 -14.47
CA VAL B 175 -10.27 6.17 -14.87
C VAL B 175 -11.06 6.76 -13.71
N THR B 176 -11.70 7.90 -13.96
CA THR B 176 -12.67 8.53 -13.04
C THR B 176 -14.09 8.17 -13.47
N VAL B 177 -14.78 7.42 -12.62
CA VAL B 177 -16.18 7.02 -12.86
C VAL B 177 -17.11 7.90 -12.02
N GLU B 178 -18.16 8.37 -12.67
CA GLU B 178 -19.29 9.06 -12.00
C GLU B 178 -20.26 7.97 -11.55
N TYR B 179 -20.49 7.90 -10.23
CA TYR B 179 -21.32 6.88 -9.59
C TYR B 179 -22.61 7.47 -8.98
N TYR B 180 -23.58 6.59 -8.89
CA TYR B 180 -24.86 6.76 -8.14
C TYR B 180 -24.84 5.77 -6.99
N ASN B 181 -25.24 6.22 -5.80
CA ASN B 181 -25.46 5.36 -4.61
C ASN B 181 -26.92 4.92 -4.59
N ASP B 182 -27.18 3.64 -4.87
CA ASP B 182 -28.52 3.02 -4.79
C ASP B 182 -28.64 2.25 -3.48
N ASN B 183 -28.99 2.94 -2.40
CA ASN B 183 -29.23 2.30 -1.08
C ASN B 183 -28.02 1.44 -0.68
N GLY B 184 -26.83 1.99 -0.94
CA GLY B 184 -25.53 1.44 -0.53
C GLY B 184 -24.85 0.68 -1.63
N ALA B 185 -25.57 0.27 -2.66
CA ALA B 185 -24.99 -0.36 -3.87
C ALA B 185 -24.44 0.72 -4.78
N MET B 186 -23.34 0.42 -5.47
CA MET B 186 -22.68 1.37 -6.38
C MET B 186 -23.13 1.12 -7.81
N VAL B 187 -23.64 2.18 -8.43
CA VAL B 187 -24.19 2.07 -9.81
C VAL B 187 -23.44 3.06 -10.68
N PRO B 188 -22.51 2.56 -11.52
CA PRO B 188 -21.86 3.48 -12.44
C PRO B 188 -22.85 4.19 -13.37
N VAL B 189 -22.58 5.45 -13.62
CA VAL B 189 -23.38 6.32 -14.50
C VAL B 189 -22.62 6.51 -15.81
N ARG B 190 -21.36 6.93 -15.70
CA ARG B 190 -20.57 7.29 -16.89
C ARG B 190 -19.10 7.38 -16.49
N VAL B 191 -18.27 7.33 -17.50
CA VAL B 191 -16.84 7.61 -17.33
C VAL B 191 -16.64 9.12 -17.50
N HIS B 192 -16.15 9.77 -16.46
CA HIS B 192 -15.94 11.21 -16.43
C HIS B 192 -14.59 11.60 -17.04
N THR B 193 -13.53 10.88 -16.70
CA THR B 193 -12.16 11.18 -17.16
C THR B 193 -11.39 9.89 -17.41
N VAL B 194 -10.66 9.86 -18.53
CA VAL B 194 -9.71 8.76 -18.83
C VAL B 194 -8.35 9.39 -19.06
N LEU B 195 -7.34 8.82 -18.40
CA LEU B 195 -5.92 9.19 -18.52
C LEU B 195 -5.11 7.96 -18.92
N ILE B 196 -4.21 8.15 -19.89
CA ILE B 196 -3.12 7.19 -20.18
C ILE B 196 -1.83 7.98 -20.30
N SER B 197 -0.79 7.47 -19.64
CA SER B 197 0.62 7.88 -19.90
C SER B 197 1.41 6.64 -20.31
N THR B 198 1.90 6.64 -21.54
CA THR B 198 2.63 5.46 -22.03
C THR B 198 3.96 5.87 -22.65
N GLN B 199 4.96 5.04 -22.37
CA GLN B 199 6.28 5.15 -22.99
C GLN B 199 6.12 4.95 -24.48
N HIS B 200 7.02 5.59 -25.23
CA HIS B 200 6.96 5.59 -26.71
C HIS B 200 8.34 5.86 -27.30
N ASP B 201 8.44 5.54 -28.58
CA ASP B 201 9.68 5.82 -29.32
C ASP B 201 9.63 7.23 -29.92
N GLU B 202 10.66 7.60 -30.68
CA GLU B 202 10.82 8.97 -31.23
C GLU B 202 10.13 9.11 -32.60
N THR B 203 9.36 8.12 -33.04
CA THR B 203 8.77 8.08 -34.41
C THR B 203 7.36 8.66 -34.47
N VAL B 204 6.76 8.92 -33.32
CA VAL B 204 5.31 9.19 -33.22
C VAL B 204 5.11 10.60 -32.66
N THR B 205 4.15 11.32 -33.23
CA THR B 205 3.79 12.67 -32.73
C THR B 205 2.81 12.54 -31.56
N ASN B 206 2.66 13.60 -30.80
CA ASN B 206 1.68 13.54 -29.69
C ASN B 206 0.27 13.43 -30.27
N ASP B 207 -0.02 14.00 -31.44
CA ASP B 207 -1.39 13.88 -32.00
C ASP B 207 -1.63 12.42 -32.38
N GLU B 208 -0.63 11.76 -32.94
CA GLU B 208 -0.76 10.32 -33.31
C GLU B 208 -0.94 9.46 -32.06
N ILE B 209 -0.18 9.78 -31.02
CA ILE B 209 -0.33 9.01 -29.76
C ILE B 209 -1.79 9.15 -29.29
N ALA B 210 -2.31 10.36 -29.25
CA ALA B 210 -3.66 10.61 -28.70
C ALA B 210 -4.70 9.85 -29.54
N ARG B 211 -4.61 9.97 -30.86
CA ARG B 211 -5.53 9.26 -31.79
C ARG B 211 -5.48 7.75 -31.54
N ASP B 212 -4.28 7.21 -31.56
CA ASP B 212 -4.12 5.75 -31.45
C ASP B 212 -4.55 5.26 -30.06
N LEU B 213 -4.25 5.99 -29.00
CA LEU B 213 -4.73 5.56 -27.66
C LEU B 213 -6.26 5.54 -27.62
N LYS B 214 -6.90 6.58 -28.14
CA LYS B 214 -8.38 6.65 -28.08
CA LYS B 214 -8.38 6.62 -28.05
C LYS B 214 -8.97 5.48 -28.89
N GLU B 215 -8.48 5.34 -30.12
CA GLU B 215 -9.14 4.43 -31.08
C GLU B 215 -8.75 2.96 -30.82
N HIS B 216 -7.48 2.69 -30.51
CA HIS B 216 -7.02 1.28 -30.38
C HIS B 216 -7.05 0.76 -28.94
N VAL B 217 -7.01 1.65 -27.96
CA VAL B 217 -6.86 1.20 -26.56
C VAL B 217 -8.13 1.51 -25.73
N ILE B 218 -8.60 2.75 -25.72
CA ILE B 218 -9.74 3.13 -24.84
C ILE B 218 -11.08 2.64 -25.40
N LYS B 219 -11.38 2.97 -26.63
CA LYS B 219 -12.73 2.68 -27.18
C LYS B 219 -12.97 1.18 -27.21
N PRO B 220 -11.97 0.32 -27.45
CA PRO B 220 -12.24 -1.12 -27.39
C PRO B 220 -12.61 -1.68 -26.02
N ILE B 221 -12.28 -0.96 -24.97
CA ILE B 221 -12.43 -1.45 -23.58
C ILE B 221 -13.62 -0.82 -22.88
N ILE B 222 -13.76 0.49 -22.96
CA ILE B 222 -14.88 1.11 -22.19
C ILE B 222 -16.19 0.88 -22.91
N PRO B 223 -17.16 0.23 -22.24
CA PRO B 223 -18.49 0.11 -22.83
C PRO B 223 -19.01 1.48 -23.33
N GLU B 224 -19.59 1.49 -24.54
CA GLU B 224 -20.09 2.74 -25.18
C GLU B 224 -21.08 3.47 -24.29
N LYS B 225 -21.88 2.72 -23.54
CA LYS B 225 -22.95 3.32 -22.69
C LYS B 225 -22.30 4.23 -21.64
N TYR B 226 -21.00 4.12 -21.38
CA TYR B 226 -20.36 4.93 -20.32
C TYR B 226 -19.56 6.12 -20.89
N LEU B 227 -19.42 6.20 -22.21
CA LEU B 227 -18.68 7.29 -22.88
C LEU B 227 -19.66 8.29 -23.49
N ASP B 228 -19.37 9.58 -23.34
CA ASP B 228 -20.20 10.61 -24.01
C ASP B 228 -19.28 11.74 -24.45
N ASP B 229 -19.85 12.78 -25.02
CA ASP B 229 -18.98 13.82 -25.66
CA ASP B 229 -19.12 13.91 -25.65
C ASP B 229 -18.42 14.77 -24.59
N LYS B 230 -18.80 14.60 -23.31
CA LYS B 230 -18.24 15.37 -22.16
C LYS B 230 -17.09 14.60 -21.47
N THR B 231 -16.93 13.30 -21.72
CA THR B 231 -15.79 12.52 -21.16
C THR B 231 -14.45 13.21 -21.47
N ILE B 232 -13.67 13.43 -20.43
CA ILE B 232 -12.37 14.15 -20.53
C ILE B 232 -11.26 13.14 -20.78
N PHE B 233 -10.41 13.42 -21.76
CA PHE B 233 -9.26 12.56 -22.11
C PHE B 233 -7.96 13.30 -21.85
N HIS B 234 -7.07 12.69 -21.04
CA HIS B 234 -5.68 13.15 -20.83
C HIS B 234 -4.82 12.04 -21.44
N LEU B 235 -4.15 12.34 -22.54
CA LEU B 235 -3.39 11.33 -23.32
C LEU B 235 -1.94 11.78 -23.41
N ASN B 236 -1.08 11.12 -22.65
CA ASN B 236 0.35 11.52 -22.57
C ASN B 236 0.46 13.00 -22.21
N PRO B 237 -0.16 13.40 -21.09
CA PRO B 237 -0.12 14.81 -20.69
C PRO B 237 1.27 15.38 -20.40
N SER B 238 2.26 14.56 -20.06
CA SER B 238 3.60 15.11 -19.82
C SER B 238 4.21 15.65 -21.13
N GLY B 239 3.74 15.16 -22.28
CA GLY B 239 4.19 15.61 -23.60
C GLY B 239 5.41 14.89 -24.12
N ARG B 240 6.11 14.15 -23.28
CA ARG B 240 7.25 13.32 -23.75
C ARG B 240 7.48 12.21 -22.72
N PHE B 241 7.48 10.96 -23.18
CA PHE B 241 7.71 9.78 -22.31
C PHE B 241 8.54 8.78 -23.14
N VAL B 242 9.79 9.14 -23.43
CA VAL B 242 10.70 8.31 -24.27
C VAL B 242 11.58 7.45 -23.35
N ILE B 243 12.16 8.08 -22.34
CA ILE B 243 12.84 7.38 -21.21
C ILE B 243 11.77 6.71 -20.37
N GLY B 244 11.93 5.45 -20.04
CA GLY B 244 10.96 4.76 -19.18
C GLY B 244 11.52 3.52 -18.56
N GLY B 245 10.66 2.66 -18.05
CA GLY B 245 11.15 1.50 -17.30
C GLY B 245 12.04 1.93 -16.14
N PRO B 246 12.92 1.02 -15.66
CA PRO B 246 13.82 1.32 -14.55
C PRO B 246 14.80 2.47 -14.85
N HIS B 247 15.07 2.78 -16.13
CA HIS B 247 15.85 3.98 -16.45
C HIS B 247 15.12 5.23 -16.00
N GLY B 248 13.80 5.30 -16.19
CA GLY B 248 13.06 6.50 -15.79
C GLY B 248 12.65 6.51 -14.31
N ASP B 249 12.55 5.37 -13.67
CA ASP B 249 11.91 5.31 -12.34
C ASP B 249 12.26 4.00 -11.65
N ALA B 250 12.81 4.07 -10.44
CA ALA B 250 13.15 2.87 -9.66
C ALA B 250 11.87 2.07 -9.37
N GLY B 251 11.99 0.76 -9.33
CA GLY B 251 10.87 -0.15 -8.97
C GLY B 251 11.21 -1.02 -7.80
N LEU B 252 10.18 -1.45 -7.11
CA LEU B 252 10.29 -2.29 -5.91
C LEU B 252 9.08 -3.22 -5.91
N THR B 253 9.20 -4.40 -5.35
CA THR B 253 8.08 -5.31 -5.07
C THR B 253 7.16 -4.68 -4.03
N GLY B 254 5.87 -4.86 -4.26
CA GLY B 254 4.86 -4.53 -3.23
C GLY B 254 4.58 -3.04 -3.16
N ARG B 255 4.77 -2.32 -4.24
CA ARG B 255 4.50 -0.84 -4.32
C ARG B 255 3.28 -0.55 -5.19
N LYS B 256 2.48 -1.58 -5.50
CA LYS B 256 1.24 -1.42 -6.28
C LYS B 256 0.10 -2.22 -5.62
N ILE B 257 -0.01 -2.12 -4.32
CA ILE B 257 -0.93 -3.01 -3.56
C ILE B 257 -2.40 -2.63 -3.74
N ILE B 258 -2.70 -1.39 -4.13
CA ILE B 258 -4.09 -0.94 -4.40
C ILE B 258 -4.47 -1.31 -5.84
N ILE B 259 -3.49 -1.21 -6.74
CA ILE B 259 -3.65 -1.67 -8.14
C ILE B 259 -3.80 -3.20 -8.15
N ASP B 260 -3.17 -3.91 -7.20
CA ASP B 260 -3.25 -5.36 -7.10
C ASP B 260 -4.62 -5.84 -6.59
N THR B 261 -5.41 -4.95 -5.99
CA THR B 261 -6.63 -5.31 -5.24
C THR B 261 -7.85 -4.62 -5.83
N TYR B 262 -8.31 -3.52 -5.25
CA TYR B 262 -9.66 -2.99 -5.54
C TYR B 262 -9.62 -1.52 -5.97
N GLY B 263 -8.46 -0.95 -6.24
CA GLY B 263 -8.44 0.41 -6.79
C GLY B 263 -8.96 1.47 -5.81
N GLY B 264 -8.83 1.21 -4.51
CA GLY B 264 -9.22 2.15 -3.46
C GLY B 264 -10.59 1.85 -2.85
N TRP B 265 -11.35 0.96 -3.50
CA TRP B 265 -12.62 0.46 -2.95
C TRP B 265 -12.34 -0.57 -1.87
N GLY B 266 -13.32 -0.86 -1.07
CA GLY B 266 -13.16 -1.82 0.02
C GLY B 266 -12.24 -1.28 1.08
N ALA B 267 -11.11 -1.96 1.28
CA ALA B 267 -10.09 -1.53 2.24
C ALA B 267 -8.83 -2.35 1.92
N HIS B 268 -7.72 -1.95 2.51
CA HIS B 268 -6.44 -2.66 2.40
C HIS B 268 -5.79 -2.71 3.77
N GLY B 269 -5.23 -3.88 4.13
CA GLY B 269 -4.47 -4.00 5.41
C GLY B 269 -3.00 -3.73 5.26
N GLY B 270 -2.52 -3.48 4.04
CA GLY B 270 -1.12 -3.08 3.83
C GLY B 270 -0.15 -4.13 3.34
N GLY B 271 -0.49 -5.39 3.32
CA GLY B 271 0.49 -6.42 2.96
C GLY B 271 0.52 -6.62 1.47
N ALA B 272 1.74 -6.78 0.97
CA ALA B 272 1.95 -7.07 -0.45
C ALA B 272 1.77 -8.56 -0.69
N PHE B 273 1.55 -8.91 -1.96
CA PHE B 273 1.29 -10.30 -2.34
C PHE B 273 2.54 -10.98 -2.96
N SER B 274 3.21 -10.31 -3.89
CA SER B 274 4.17 -11.02 -4.76
C SER B 274 5.41 -11.44 -3.98
N GLY B 275 5.94 -12.61 -4.38
CA GLY B 275 7.18 -13.14 -3.79
C GLY B 275 6.94 -13.96 -2.56
N LYS B 276 5.69 -14.13 -2.14
CA LYS B 276 5.37 -14.78 -0.86
C LYS B 276 4.66 -16.13 -1.09
N ASP B 277 5.15 -17.17 -0.40
CA ASP B 277 4.45 -18.47 -0.32
C ASP B 277 3.21 -18.29 0.57
N PRO B 278 2.29 -19.28 0.55
CA PRO B 278 0.98 -19.09 1.17
C PRO B 278 0.99 -19.16 2.71
N THR B 279 2.07 -19.48 3.39
CA THR B 279 2.09 -19.31 4.85
C THR B 279 2.06 -17.81 5.17
N LYS B 280 2.39 -16.96 4.19
CA LYS B 280 2.26 -15.51 4.39
C LYS B 280 0.78 -15.19 4.19
N VAL B 281 0.09 -14.98 5.28
CA VAL B 281 -1.37 -14.68 5.28
C VAL B 281 -1.63 -13.37 4.56
N ASP B 282 -0.64 -12.51 4.32
CA ASP B 282 -0.88 -11.30 3.49
C ASP B 282 -1.50 -11.76 2.17
N ARG B 283 -0.99 -12.88 1.65
CA ARG B 283 -1.46 -13.40 0.34
C ARG B 283 -2.64 -14.38 0.55
N SER B 284 -2.44 -15.48 1.27
CA SER B 284 -3.51 -16.49 1.41
C SER B 284 -4.74 -15.90 2.10
N GLY B 285 -4.53 -15.09 3.15
CA GLY B 285 -5.67 -14.49 3.83
C GLY B 285 -6.41 -13.49 2.95
N ALA B 286 -5.74 -12.67 2.20
CA ALA B 286 -6.40 -11.75 1.27
C ALA B 286 -7.17 -12.53 0.20
N TYR B 287 -6.63 -13.63 -0.25
CA TYR B 287 -7.27 -14.42 -1.29
C TYR B 287 -8.55 -15.03 -0.73
N ILE B 288 -8.49 -15.59 0.46
CA ILE B 288 -9.73 -16.22 1.03
CA ILE B 288 -9.71 -16.20 1.06
C ILE B 288 -10.76 -15.13 1.32
N VAL B 289 -10.37 -13.93 1.80
CA VAL B 289 -11.44 -12.94 2.09
C VAL B 289 -12.00 -12.38 0.78
N ARG B 290 -11.27 -12.31 -0.32
CA ARG B 290 -11.87 -12.05 -1.64
C ARG B 290 -12.90 -13.15 -1.91
N GLN B 291 -12.56 -14.40 -1.72
CA GLN B 291 -13.46 -15.53 -2.03
C GLN B 291 -14.73 -15.39 -1.19
N ALA B 292 -14.54 -15.03 0.07
CA ALA B 292 -15.70 -14.86 0.96
C ALA B 292 -16.57 -13.69 0.50
N ALA B 293 -15.97 -12.53 0.27
CA ALA B 293 -16.77 -11.35 -0.11
C ALA B 293 -17.49 -11.65 -1.43
N LYS B 294 -16.79 -12.22 -2.36
CA LYS B 294 -17.34 -12.53 -3.68
C LYS B 294 -18.49 -13.52 -3.48
N SER B 295 -18.33 -14.52 -2.64
CA SER B 295 -19.39 -15.54 -2.43
C SER B 295 -20.63 -14.88 -1.80
N VAL B 296 -20.44 -13.97 -0.86
CA VAL B 296 -21.61 -13.29 -0.25
C VAL B 296 -22.42 -12.62 -1.37
N VAL B 297 -21.76 -11.84 -2.20
CA VAL B 297 -22.44 -11.12 -3.30
C VAL B 297 -23.01 -12.09 -4.34
N ALA B 298 -22.27 -13.09 -4.76
CA ALA B 298 -22.70 -13.99 -5.84
C ALA B 298 -23.87 -14.86 -5.39
N ASN B 299 -23.96 -15.17 -4.10
CA ASN B 299 -25.12 -15.93 -3.55
C ASN B 299 -26.33 -15.03 -3.36
N GLY B 300 -26.25 -13.73 -3.68
CA GLY B 300 -27.41 -12.83 -3.57
C GLY B 300 -27.66 -12.37 -2.15
N MET B 301 -26.77 -12.61 -1.22
CA MET B 301 -26.92 -12.21 0.20
C MET B 301 -26.74 -10.70 0.38
N ALA B 302 -26.02 -10.05 -0.53
CA ALA B 302 -25.74 -8.61 -0.50
C ALA B 302 -25.36 -8.12 -1.88
N ARG B 303 -25.42 -6.82 -2.13
CA ARG B 303 -24.95 -6.23 -3.41
C ARG B 303 -23.48 -5.87 -3.30
N ARG B 304 -22.99 -5.63 -2.09
CA ARG B 304 -21.60 -5.25 -1.86
C ARG B 304 -21.20 -5.82 -0.51
N ALA B 305 -19.94 -6.22 -0.38
CA ALA B 305 -19.47 -6.79 0.88
C ALA B 305 -17.99 -6.51 1.09
N LEU B 306 -17.67 -6.21 2.32
CA LEU B 306 -16.31 -6.06 2.85
C LEU B 306 -16.08 -7.06 3.97
N VAL B 307 -14.92 -7.74 3.91
CA VAL B 307 -14.58 -8.73 4.94
C VAL B 307 -13.17 -8.43 5.43
N GLN B 308 -12.95 -8.33 6.74
CA GLN B 308 -11.62 -8.21 7.32
C GLN B 308 -11.29 -9.49 8.06
N VAL B 309 -10.04 -9.92 7.93
CA VAL B 309 -9.46 -10.95 8.81
C VAL B 309 -8.13 -10.40 9.37
N SER B 310 -7.72 -10.87 10.53
CA SER B 310 -6.42 -10.52 11.12
C SER B 310 -5.80 -11.71 11.80
N TYR B 311 -4.47 -11.66 11.88
CA TYR B 311 -3.66 -12.79 12.39
C TYR B 311 -2.55 -12.30 13.33
N ALA B 312 -2.04 -13.28 14.09
CA ALA B 312 -0.81 -13.18 14.89
C ALA B 312 0.19 -14.21 14.41
N ILE B 313 1.46 -13.83 14.31
CA ILE B 313 2.50 -14.81 13.89
C ILE B 313 2.45 -16.06 14.79
N GLY B 314 2.47 -17.24 14.18
CA GLY B 314 2.55 -18.50 14.93
C GLY B 314 1.21 -19.00 15.44
N VAL B 315 0.14 -18.26 15.22
CA VAL B 315 -1.20 -18.64 15.71
C VAL B 315 -1.99 -19.05 14.49
N PRO B 316 -2.54 -20.28 14.41
CA PRO B 316 -3.33 -20.65 13.24
C PRO B 316 -4.65 -19.87 13.05
N GLU B 317 -5.42 -19.70 14.12
CA GLU B 317 -6.76 -19.08 14.07
C GLU B 317 -6.67 -17.55 13.98
N PRO B 318 -7.50 -16.90 13.15
CA PRO B 318 -7.49 -15.44 13.10
C PRO B 318 -7.87 -14.80 14.43
N LEU B 319 -7.36 -13.59 14.62
CA LEU B 319 -7.59 -12.77 15.83
C LEU B 319 -8.96 -12.07 15.72
N SER B 320 -9.42 -11.77 14.51
CA SER B 320 -10.70 -11.07 14.32
C SER B 320 -11.18 -11.33 12.91
N VAL B 321 -12.49 -11.23 12.75
CA VAL B 321 -13.20 -11.25 11.46
C VAL B 321 -14.33 -10.23 11.55
N PHE B 322 -14.53 -9.53 10.46
CA PHE B 322 -15.74 -8.70 10.37
CA PHE B 322 -15.56 -8.49 10.28
C PHE B 322 -16.27 -8.73 8.95
N VAL B 323 -17.58 -8.54 8.90
CA VAL B 323 -18.34 -8.42 7.63
C VAL B 323 -19.17 -7.16 7.66
N ASP B 324 -19.10 -6.37 6.59
CA ASP B 324 -19.98 -5.19 6.40
C ASP B 324 -20.53 -5.24 5.00
N THR B 325 -21.84 -5.02 4.83
CA THR B 325 -22.47 -4.99 3.49
C THR B 325 -22.96 -3.61 3.09
N TYR B 326 -22.52 -2.57 3.77
CA TYR B 326 -22.81 -1.20 3.32
C TYR B 326 -24.33 -0.97 3.29
N GLY B 327 -25.05 -1.66 4.15
CA GLY B 327 -26.52 -1.53 4.20
C GLY B 327 -27.20 -2.30 3.07
N THR B 328 -26.50 -3.13 2.33
CA THR B 328 -27.09 -3.87 1.18
C THR B 328 -27.42 -5.35 1.49
N GLY B 329 -27.04 -5.83 2.66
CA GLY B 329 -27.30 -7.24 3.00
C GLY B 329 -28.79 -7.51 3.14
N LEU B 330 -29.23 -8.68 2.67
CA LEU B 330 -30.66 -9.09 2.77
C LEU B 330 -30.93 -9.80 4.10
N ILE B 331 -29.91 -10.21 4.83
CA ILE B 331 -29.93 -10.70 6.22
C ILE B 331 -28.91 -9.88 7.01
N PRO B 332 -29.01 -9.81 8.34
CA PRO B 332 -28.11 -8.98 9.13
C PRO B 332 -26.63 -9.36 8.91
N ASP B 333 -25.78 -8.37 9.02
CA ASP B 333 -24.32 -8.59 8.83
C ASP B 333 -23.84 -9.60 9.87
N LYS B 334 -24.40 -9.59 11.09
CA LYS B 334 -23.94 -10.56 12.12
C LYS B 334 -24.22 -11.99 11.64
N GLU B 335 -25.32 -12.19 10.93
CA GLU B 335 -25.71 -13.53 10.40
CA GLU B 335 -25.70 -13.53 10.41
C GLU B 335 -24.75 -13.87 9.26
N ILE B 336 -24.45 -12.90 8.41
CA ILE B 336 -23.46 -13.13 7.31
C ILE B 336 -22.11 -13.50 7.94
N LEU B 337 -21.68 -12.80 8.97
CA LEU B 337 -20.42 -13.13 9.65
C LEU B 337 -20.49 -14.59 10.11
N LYS B 338 -21.58 -15.01 10.74
CA LYS B 338 -21.70 -16.40 11.24
C LYS B 338 -21.53 -17.37 10.07
N ILE B 339 -22.20 -17.12 8.96
CA ILE B 339 -22.17 -18.00 7.77
C ILE B 339 -20.75 -18.02 7.21
N VAL B 340 -20.13 -16.84 7.08
CA VAL B 340 -18.72 -16.82 6.60
C VAL B 340 -17.82 -17.67 7.49
N LYS B 341 -17.90 -17.52 8.81
N LYS B 341 -17.93 -17.53 8.83
CA LYS B 341 -17.05 -18.28 9.74
CA LYS B 341 -17.08 -18.24 9.79
C LYS B 341 -17.31 -19.79 9.56
C LYS B 341 -17.37 -19.76 9.81
N GLU B 342 -18.57 -20.19 9.42
CA GLU B 342 -18.94 -21.64 9.30
C GLU B 342 -18.40 -22.22 8.00
N THR B 343 -18.24 -21.39 6.97
CA THR B 343 -17.97 -21.87 5.59
C THR B 343 -16.46 -21.83 5.28
N PHE B 344 -15.77 -20.78 5.68
CA PHE B 344 -14.33 -20.57 5.33
C PHE B 344 -13.47 -20.99 6.51
N ASP B 345 -12.39 -21.69 6.22
CA ASP B 345 -11.33 -22.04 7.20
C ASP B 345 -10.20 -21.05 7.02
N PHE B 346 -9.99 -20.17 8.00
CA PHE B 346 -9.05 -19.05 7.90
C PHE B 346 -7.65 -19.47 8.37
N ARG B 347 -7.46 -20.71 8.78
CA ARG B 347 -6.12 -21.15 9.22
C ARG B 347 -5.22 -21.27 7.98
N PRO B 348 -3.98 -20.74 8.03
CA PRO B 348 -3.16 -20.68 6.80
C PRO B 348 -2.85 -22.03 6.14
N GLY B 349 -2.65 -23.05 6.93
CA GLY B 349 -2.33 -24.37 6.37
C GLY B 349 -3.53 -24.92 5.63
N MET B 350 -4.73 -24.52 6.07
CA MET B 350 -6.00 -24.96 5.45
C MET B 350 -6.23 -24.13 4.20
N MET B 351 -6.09 -22.80 4.31
CA MET B 351 -6.29 -21.92 3.14
C MET B 351 -5.36 -22.39 2.02
N THR B 352 -4.14 -22.75 2.36
CA THR B 352 -3.12 -23.16 1.37
C THR B 352 -3.66 -24.35 0.57
N ILE B 353 -4.16 -25.37 1.26
CA ILE B 353 -4.64 -26.61 0.58
C ILE B 353 -5.96 -26.29 -0.17
N ASN B 354 -6.90 -25.60 0.51
CA ASN B 354 -8.22 -25.34 -0.08
C ASN B 354 -8.12 -24.46 -1.33
N LEU B 355 -7.08 -23.64 -1.47
CA LEU B 355 -6.93 -22.81 -2.68
C LEU B 355 -5.76 -23.32 -3.56
N ASP B 356 -5.21 -24.48 -3.27
CA ASP B 356 -4.11 -25.08 -4.08
C ASP B 356 -2.98 -24.05 -4.29
N LEU B 357 -2.52 -23.43 -3.20
CA LEU B 357 -1.57 -22.29 -3.35
C LEU B 357 -0.11 -22.78 -3.35
N LYS B 358 0.15 -24.07 -3.17
CA LYS B 358 1.56 -24.58 -3.29
C LYS B 358 1.89 -25.00 -4.70
N ARG B 359 1.04 -24.72 -5.65
CA ARG B 359 1.26 -25.10 -7.06
C ARG B 359 1.82 -23.89 -7.78
N GLY B 360 3.03 -24.05 -8.32
CA GLY B 360 3.66 -23.02 -9.13
C GLY B 360 3.80 -23.47 -10.55
N GLY B 361 4.58 -22.74 -11.31
CA GLY B 361 4.92 -23.22 -12.66
C GLY B 361 3.81 -22.98 -13.66
N ASN B 362 4.15 -23.01 -14.95
CA ASN B 362 3.32 -22.45 -16.05
C ASN B 362 2.87 -21.03 -15.67
N GLY B 363 3.71 -20.31 -14.95
CA GLY B 363 3.49 -18.89 -14.62
C GLY B 363 2.37 -18.71 -13.62
N ARG B 364 2.06 -19.72 -12.80
CA ARG B 364 0.84 -19.63 -11.95
C ARG B 364 0.79 -18.27 -11.23
N PHE B 365 1.78 -17.98 -10.40
CA PHE B 365 1.78 -16.74 -9.62
C PHE B 365 2.26 -15.55 -10.44
N GLN B 366 3.18 -15.75 -11.38
CA GLN B 366 3.65 -14.61 -12.22
C GLN B 366 2.43 -13.94 -12.86
N LYS B 367 1.46 -14.73 -13.31
CA LYS B 367 0.23 -14.18 -13.96
CA LYS B 367 0.28 -14.11 -14.00
C LYS B 367 -0.55 -13.25 -13.02
N THR B 368 -0.46 -13.47 -11.72
CA THR B 368 -1.19 -12.63 -10.74
C THR B 368 -0.52 -11.26 -10.59
N ALA B 369 0.76 -11.15 -10.96
CA ALA B 369 1.66 -10.03 -10.56
C ALA B 369 1.58 -8.85 -11.54
N ALA B 370 0.73 -8.94 -12.56
CA ALA B 370 0.28 -7.79 -13.35
C ALA B 370 -1.22 -7.98 -13.62
N TYR B 371 -1.92 -6.87 -13.73
CA TYR B 371 -3.35 -6.82 -14.14
C TYR B 371 -4.31 -7.24 -13.03
N GLY B 372 -3.86 -7.25 -11.78
CA GLY B 372 -4.71 -7.43 -10.61
C GLY B 372 -4.77 -8.88 -10.17
N HIS B 373 -4.90 -9.10 -8.87
CA HIS B 373 -5.07 -10.49 -8.35
C HIS B 373 -6.51 -10.94 -8.41
N PHE B 374 -7.46 -10.01 -8.55
CA PHE B 374 -8.90 -10.30 -8.38
C PHE B 374 -9.66 -9.94 -9.67
N GLY B 375 -10.81 -10.58 -9.82
CA GLY B 375 -11.72 -10.39 -10.98
C GLY B 375 -11.27 -11.04 -12.25
N ARG B 376 -10.40 -12.02 -12.15
CA ARG B 376 -9.70 -12.72 -13.28
CA ARG B 376 -9.89 -12.66 -13.39
C ARG B 376 -10.40 -14.10 -13.47
N ASP B 377 -10.71 -14.57 -14.70
CA ASP B 377 -11.43 -15.89 -14.86
C ASP B 377 -10.48 -17.07 -15.17
N ASP B 378 -9.20 -16.84 -15.13
CA ASP B 378 -8.21 -17.92 -15.33
C ASP B 378 -8.36 -18.91 -14.18
N PRO B 379 -8.46 -20.23 -14.46
CA PRO B 379 -8.70 -21.20 -13.38
C PRO B 379 -7.60 -21.29 -12.30
N ASP B 380 -6.42 -20.75 -12.59
CA ASP B 380 -5.35 -20.72 -11.56
C ASP B 380 -5.71 -19.75 -10.44
N PHE B 381 -6.67 -18.84 -10.70
CA PHE B 381 -7.11 -17.87 -9.67
C PHE B 381 -8.21 -18.55 -8.88
N THR B 382 -7.83 -19.50 -8.04
CA THR B 382 -8.77 -20.42 -7.37
C THR B 382 -9.67 -19.69 -6.38
N TRP B 383 -9.24 -18.53 -5.94
CA TRP B 383 -9.96 -17.68 -4.98
C TRP B 383 -11.07 -16.90 -5.66
N GLU B 384 -11.21 -17.01 -6.99
CA GLU B 384 -12.36 -16.39 -7.69
C GLU B 384 -13.52 -17.39 -7.83
N VAL B 385 -13.37 -18.63 -7.38
CA VAL B 385 -14.46 -19.62 -7.46
C VAL B 385 -15.43 -19.32 -6.33
N VAL B 386 -16.66 -19.14 -6.70
CA VAL B 386 -17.72 -18.85 -5.72
C VAL B 386 -18.07 -20.11 -4.95
N LYS B 387 -18.20 -19.97 -3.63
CA LYS B 387 -18.67 -21.07 -2.76
C LYS B 387 -20.15 -20.90 -2.54
N PRO B 388 -20.93 -22.00 -2.60
CA PRO B 388 -22.33 -21.92 -2.22
C PRO B 388 -22.43 -21.64 -0.72
N LEU B 389 -23.34 -20.74 -0.33
CA LEU B 389 -23.59 -20.38 1.08
C LEU B 389 -25.01 -20.78 1.45
N LYS B 390 -25.15 -21.36 2.64
CA LYS B 390 -26.45 -21.81 3.17
C LYS B 390 -27.09 -20.62 3.87
N TRP B 391 -28.24 -20.20 3.36
CA TRP B 391 -29.02 -19.11 4.00
C TRP B 391 -30.47 -19.21 3.55
N ASP B 392 -31.33 -18.59 4.33
CA ASP B 392 -32.78 -18.49 4.05
C ASP B 392 -33.03 -17.09 3.54
N LYS B 393 -33.25 -16.98 2.22
CA LYS B 393 -33.57 -15.68 1.59
C LYS B 393 -34.97 -15.27 2.05
N PRO B 394 -35.14 -14.16 2.84
CA PRO B 394 -36.46 -13.75 3.31
C PRO B 394 -37.43 -13.53 2.13
#